data_2LY8
#
_entry.id   2LY8
#
_entity_poly.entity_id   1
_entity_poly.type   'polypeptide(L)'
_entity_poly.pdbx_seq_one_letter_code
;LISKIPFARLVKEVTDEFTTKDQDLRWQSMAIMALQEASEAYLVGLLEHTNLLALHLVPRGSKRISGLIYEEVRAVLKSF
LESVIRDSVTYTEHAKRKTVTSLDVVYALKRQGRTLYGFGG
;
_entity_poly.pdbx_strand_id   A
#
# COMPACT_ATOMS: atom_id res chain seq x y z
N LEU A 1 21.59 9.62 -1.19
CA LEU A 1 20.41 9.22 -0.38
C LEU A 1 19.36 10.31 -0.44
N ILE A 2 19.60 11.40 0.29
CA ILE A 2 18.66 12.51 0.30
C ILE A 2 18.52 13.10 -1.10
N SER A 3 19.66 13.30 -1.76
CA SER A 3 19.66 13.86 -3.10
C SER A 3 18.90 12.95 -4.06
N LYS A 4 19.08 11.64 -3.90
CA LYS A 4 18.41 10.67 -4.77
C LYS A 4 17.91 9.49 -3.95
N ILE A 5 16.65 9.10 -4.18
CA ILE A 5 16.03 8.00 -3.46
C ILE A 5 15.53 6.91 -4.43
N PRO A 6 16.40 6.01 -4.83
CA PRO A 6 16.07 4.92 -5.81
C PRO A 6 14.86 4.07 -5.39
N PHE A 7 14.72 3.81 -4.10
CA PHE A 7 13.59 2.99 -3.63
C PHE A 7 12.27 3.66 -3.99
N ALA A 8 12.16 4.94 -3.73
CA ALA A 8 10.95 5.66 -4.05
C ALA A 8 10.70 5.56 -5.55
N ARG A 9 11.77 5.65 -6.33
CA ARG A 9 11.64 5.55 -7.77
C ARG A 9 11.15 4.16 -8.16
N LEU A 10 11.68 3.13 -7.51
CA LEU A 10 11.30 1.76 -7.82
C LEU A 10 9.85 1.49 -7.45
N VAL A 11 9.47 1.96 -6.28
CA VAL A 11 8.11 1.75 -5.80
C VAL A 11 7.19 2.54 -6.70
N LYS A 12 7.58 3.77 -6.99
CA LYS A 12 6.81 4.62 -7.86
C LYS A 12 6.72 4.01 -9.25
N GLU A 13 7.81 3.40 -9.70
CA GLU A 13 7.82 2.80 -11.02
C GLU A 13 6.81 1.66 -11.13
N VAL A 14 6.78 0.77 -10.12
CA VAL A 14 5.81 -0.33 -10.15
C VAL A 14 4.40 0.23 -10.10
N THR A 15 4.22 1.16 -9.20
CA THR A 15 2.94 1.78 -9.00
C THR A 15 2.54 2.55 -10.26
N ASP A 16 3.50 3.19 -10.92
CA ASP A 16 3.21 3.97 -12.12
C ASP A 16 2.63 3.06 -13.20
N GLU A 17 3.16 1.85 -13.30
CA GLU A 17 2.67 0.90 -14.28
C GLU A 17 1.21 0.61 -13.99
N PHE A 18 0.91 0.51 -12.70
CA PHE A 18 -0.44 0.27 -12.27
C PHE A 18 -1.27 1.53 -12.52
N THR A 19 -0.65 2.67 -12.22
CA THR A 19 -1.27 3.97 -12.42
C THR A 19 -1.07 4.40 -13.87
N THR A 20 -0.62 3.48 -14.71
CA THR A 20 -0.40 3.78 -16.11
C THR A 20 -1.58 4.58 -16.66
N LYS A 21 -2.67 4.57 -15.89
CA LYS A 21 -3.85 5.31 -16.23
C LYS A 21 -3.57 6.81 -16.08
N ASP A 22 -2.29 7.18 -16.20
CA ASP A 22 -1.89 8.57 -16.08
C ASP A 22 -2.35 9.32 -17.32
N GLN A 23 -3.58 9.03 -17.70
CA GLN A 23 -4.18 9.65 -18.87
C GLN A 23 -4.20 11.16 -18.74
N ASP A 24 -4.13 11.63 -17.49
CA ASP A 24 -4.13 13.06 -17.23
C ASP A 24 -3.86 13.29 -15.74
N LEU A 25 -3.71 12.21 -15.00
CA LEU A 25 -3.46 12.31 -13.56
C LEU A 25 -2.15 13.02 -13.28
N ARG A 26 -2.00 13.36 -12.01
CA ARG A 26 -0.82 14.08 -11.53
C ARG A 26 -0.38 13.53 -10.18
N TRP A 27 0.93 13.34 -10.03
CA TRP A 27 1.48 12.83 -8.76
C TRP A 27 2.01 13.94 -7.88
N GLN A 28 1.36 14.12 -6.74
CA GLN A 28 1.77 15.13 -5.77
C GLN A 28 2.85 14.53 -4.87
N SER A 29 3.53 15.38 -4.14
CA SER A 29 4.56 14.92 -3.21
C SER A 29 3.91 13.98 -2.20
N MET A 30 2.68 14.29 -1.83
CA MET A 30 1.95 13.49 -0.86
C MET A 30 1.80 12.08 -1.40
N ALA A 31 1.56 11.96 -2.69
CA ALA A 31 1.40 10.64 -3.30
C ALA A 31 2.55 9.75 -2.86
N ILE A 32 3.75 10.30 -2.93
CA ILE A 32 4.97 9.59 -2.54
C ILE A 32 4.95 9.31 -1.05
N MET A 33 4.48 10.27 -0.27
CA MET A 33 4.40 10.09 1.16
C MET A 33 3.50 8.89 1.41
N ALA A 34 2.51 8.75 0.56
CA ALA A 34 1.58 7.65 0.65
C ALA A 34 2.34 6.33 0.53
N LEU A 35 3.35 6.29 -0.35
CA LEU A 35 4.13 5.06 -0.47
C LEU A 35 4.83 4.78 0.84
N GLN A 36 5.31 5.82 1.49
CA GLN A 36 6.01 5.65 2.76
C GLN A 36 5.04 5.17 3.83
N GLU A 37 3.84 5.75 3.82
CA GLU A 37 2.82 5.36 4.77
C GLU A 37 2.43 3.91 4.52
N ALA A 38 2.36 3.55 3.25
CA ALA A 38 1.96 2.20 2.86
C ALA A 38 2.93 1.14 3.34
N SER A 39 4.21 1.37 3.12
CA SER A 39 5.21 0.39 3.52
C SER A 39 5.27 0.23 5.03
N GLU A 40 5.32 1.36 5.73
CA GLU A 40 5.40 1.32 7.19
C GLU A 40 4.07 0.84 7.79
N ALA A 41 2.97 1.18 7.14
CA ALA A 41 1.65 0.77 7.62
C ALA A 41 1.48 -0.72 7.49
N TYR A 42 1.94 -1.25 6.38
CA TYR A 42 1.84 -2.67 6.14
C TYR A 42 2.65 -3.41 7.18
N LEU A 43 3.82 -2.88 7.46
CA LEU A 43 4.72 -3.49 8.44
C LEU A 43 4.15 -3.46 9.85
N VAL A 44 3.62 -2.33 10.25
CA VAL A 44 3.05 -2.22 11.58
C VAL A 44 1.95 -3.24 11.69
N GLY A 45 1.18 -3.32 10.62
CA GLY A 45 0.09 -4.28 10.56
C GLY A 45 0.62 -5.71 10.65
N LEU A 46 1.74 -5.97 9.96
CA LEU A 46 2.34 -7.30 9.95
C LEU A 46 2.92 -7.62 11.33
N LEU A 47 3.65 -6.66 11.86
CA LEU A 47 4.28 -6.76 13.15
C LEU A 47 3.23 -6.98 14.23
N GLU A 48 2.22 -6.12 14.21
CA GLU A 48 1.15 -6.21 15.17
C GLU A 48 0.40 -7.53 14.96
N HIS A 49 0.27 -7.94 13.69
CA HIS A 49 -0.42 -9.20 13.39
C HIS A 49 0.39 -10.38 13.92
N THR A 50 1.72 -10.28 13.80
CA THR A 50 2.60 -11.35 14.27
C THR A 50 2.58 -11.42 15.80
N ASN A 51 2.35 -10.28 16.42
CA ASN A 51 2.32 -10.19 17.88
C ASN A 51 1.20 -11.05 18.47
N LEU A 52 0.05 -11.06 17.83
CA LEU A 52 -1.09 -11.82 18.33
C LEU A 52 -0.81 -13.31 18.27
N LEU A 53 -0.07 -13.74 17.26
CA LEU A 53 0.26 -15.14 17.13
C LEU A 53 1.02 -15.56 18.37
N ALA A 54 1.80 -14.63 18.86
CA ALA A 54 2.62 -14.84 20.04
C ALA A 54 1.77 -15.19 21.27
N LEU A 55 0.49 -14.86 21.23
CA LEU A 55 -0.39 -15.14 22.37
C LEU A 55 -0.46 -16.62 22.66
N HIS A 56 -0.55 -17.44 21.61
CA HIS A 56 -0.63 -18.90 21.78
C HIS A 56 0.17 -19.62 20.71
N LEU A 57 0.44 -18.94 19.60
CA LEU A 57 1.20 -19.55 18.49
C LEU A 57 2.64 -19.09 18.52
N VAL A 58 3.48 -19.87 17.86
CA VAL A 58 4.92 -19.58 17.78
C VAL A 58 5.37 -19.50 16.31
N PRO A 59 5.45 -18.32 15.75
CA PRO A 59 5.90 -18.13 14.34
C PRO A 59 7.23 -18.83 14.06
N ARG A 60 7.34 -19.43 12.88
CA ARG A 60 8.57 -20.12 12.50
C ARG A 60 9.57 -19.12 11.94
N GLY A 61 10.31 -18.47 12.83
CA GLY A 61 11.31 -17.48 12.41
C GLY A 61 12.37 -18.13 11.53
N SER A 62 12.76 -19.35 11.89
CA SER A 62 13.77 -20.08 11.13
C SER A 62 13.15 -20.75 9.91
N LYS A 63 13.95 -20.97 8.87
CA LYS A 63 13.47 -21.62 7.65
C LYS A 63 12.28 -20.86 7.06
N ARG A 64 12.46 -19.56 6.84
CA ARG A 64 11.39 -18.75 6.27
C ARG A 64 11.08 -19.17 4.83
N ILE A 65 10.52 -20.35 4.68
CA ILE A 65 10.17 -20.88 3.37
C ILE A 65 8.69 -21.22 3.32
N SER A 66 7.91 -20.33 2.75
CA SER A 66 6.49 -20.54 2.64
C SER A 66 5.91 -19.63 1.57
N GLY A 67 6.19 -19.92 0.31
CA GLY A 67 5.70 -19.11 -0.78
C GLY A 67 6.43 -17.76 -0.80
N LEU A 68 7.68 -17.77 -0.34
CA LEU A 68 8.50 -16.58 -0.30
C LEU A 68 7.73 -15.41 0.31
N ILE A 69 8.08 -15.08 1.54
CA ILE A 69 7.43 -13.99 2.24
C ILE A 69 7.61 -12.71 1.44
N TYR A 70 8.81 -12.50 0.92
CA TYR A 70 9.07 -11.31 0.13
C TYR A 70 8.15 -11.27 -1.08
N GLU A 71 7.97 -12.42 -1.75
CA GLU A 71 7.09 -12.45 -2.90
C GLU A 71 5.67 -12.11 -2.48
N GLU A 72 5.24 -12.70 -1.38
CA GLU A 72 3.89 -12.46 -0.85
C GLU A 72 3.70 -11.01 -0.47
N VAL A 73 4.66 -10.45 0.24
CA VAL A 73 4.54 -9.08 0.66
C VAL A 73 4.46 -8.19 -0.56
N ARG A 74 5.29 -8.48 -1.53
CA ARG A 74 5.33 -7.69 -2.76
C ARG A 74 4.04 -7.82 -3.55
N ALA A 75 3.60 -9.04 -3.76
CA ALA A 75 2.38 -9.28 -4.50
C ALA A 75 1.18 -8.71 -3.75
N VAL A 76 1.27 -8.78 -2.44
CA VAL A 76 0.22 -8.28 -1.58
C VAL A 76 0.20 -6.77 -1.66
N LEU A 77 1.38 -6.16 -1.70
CA LEU A 77 1.45 -4.71 -1.82
C LEU A 77 0.94 -4.31 -3.18
N LYS A 78 1.28 -5.12 -4.17
CA LYS A 78 0.84 -4.88 -5.52
C LYS A 78 -0.68 -4.85 -5.56
N SER A 79 -1.30 -5.78 -4.86
CA SER A 79 -2.74 -5.80 -4.81
C SER A 79 -3.25 -4.51 -4.17
N PHE A 80 -2.59 -4.10 -3.09
CA PHE A 80 -2.96 -2.88 -2.41
C PHE A 80 -2.79 -1.69 -3.35
N LEU A 81 -1.61 -1.57 -3.96
CA LEU A 81 -1.37 -0.46 -4.87
C LEU A 81 -2.38 -0.49 -6.01
N GLU A 82 -2.54 -1.65 -6.64
CA GLU A 82 -3.47 -1.77 -7.76
C GLU A 82 -4.87 -1.35 -7.36
N SER A 83 -5.32 -1.84 -6.22
CA SER A 83 -6.63 -1.47 -5.73
C SER A 83 -6.68 0.02 -5.45
N VAL A 84 -5.57 0.53 -4.92
CA VAL A 84 -5.49 1.94 -4.59
C VAL A 84 -5.70 2.80 -5.82
N ILE A 85 -5.16 2.38 -6.96
CA ILE A 85 -5.31 3.14 -8.18
C ILE A 85 -6.77 3.10 -8.57
N ARG A 86 -7.36 1.93 -8.44
CA ARG A 86 -8.76 1.77 -8.78
C ARG A 86 -9.62 2.64 -7.89
N ASP A 87 -9.28 2.68 -6.61
CA ASP A 87 -10.01 3.49 -5.67
C ASP A 87 -9.71 4.98 -5.85
N SER A 88 -8.47 5.24 -6.22
CA SER A 88 -7.98 6.59 -6.39
C SER A 88 -8.56 7.23 -7.63
N VAL A 89 -8.54 6.49 -8.72
CA VAL A 89 -9.08 6.99 -9.95
C VAL A 89 -10.57 7.16 -9.73
N THR A 90 -11.13 6.25 -8.98
CA THR A 90 -12.54 6.27 -8.65
C THR A 90 -12.93 7.52 -7.85
N TYR A 91 -12.17 7.80 -6.80
CA TYR A 91 -12.45 8.97 -5.98
C TYR A 91 -12.07 10.23 -6.73
N THR A 92 -10.99 10.16 -7.49
CA THR A 92 -10.57 11.33 -8.25
C THR A 92 -11.60 11.58 -9.33
N GLU A 93 -11.96 10.52 -10.03
CA GLU A 93 -12.98 10.63 -11.06
C GLU A 93 -14.29 11.07 -10.43
N HIS A 94 -14.53 10.61 -9.20
CA HIS A 94 -15.74 10.99 -8.50
C HIS A 94 -15.73 12.49 -8.37
N ALA A 95 -14.53 13.00 -8.13
CA ALA A 95 -14.29 14.43 -8.01
C ALA A 95 -13.70 14.93 -9.31
N LYS A 96 -14.01 14.21 -10.39
CA LYS A 96 -13.53 14.52 -11.75
C LYS A 96 -12.14 15.11 -11.69
N ARG A 97 -11.37 14.64 -10.74
CA ARG A 97 -10.01 15.12 -10.54
C ARG A 97 -9.02 14.21 -11.23
N LYS A 98 -7.86 14.76 -11.47
CA LYS A 98 -6.78 14.03 -12.10
C LYS A 98 -5.51 14.27 -11.29
N THR A 99 -5.42 13.57 -10.16
CA THR A 99 -4.29 13.73 -9.26
C THR A 99 -4.27 12.61 -8.22
N VAL A 100 -3.07 12.20 -7.79
CA VAL A 100 -2.95 11.16 -6.77
C VAL A 100 -2.49 11.81 -5.48
N THR A 101 -3.28 11.64 -4.40
CA THR A 101 -2.94 12.23 -3.12
C THR A 101 -2.89 11.17 -2.03
N SER A 102 -2.07 11.42 -1.02
CA SER A 102 -1.94 10.48 0.08
C SER A 102 -3.27 10.36 0.79
N LEU A 103 -4.08 11.37 0.60
CA LEU A 103 -5.39 11.42 1.21
C LEU A 103 -6.29 10.35 0.61
N ASP A 104 -6.30 10.27 -0.71
CA ASP A 104 -7.12 9.28 -1.37
C ASP A 104 -6.60 7.90 -1.00
N VAL A 105 -5.28 7.82 -0.84
CA VAL A 105 -4.66 6.57 -0.45
C VAL A 105 -5.17 6.18 0.93
N VAL A 106 -5.24 7.18 1.81
CA VAL A 106 -5.73 6.98 3.15
C VAL A 106 -7.19 6.53 3.10
N TYR A 107 -7.95 7.13 2.20
CA TYR A 107 -9.34 6.77 2.04
C TYR A 107 -9.42 5.32 1.60
N ALA A 108 -8.51 4.96 0.70
CA ALA A 108 -8.44 3.59 0.21
C ALA A 108 -8.09 2.65 1.34
N LEU A 109 -7.13 3.06 2.17
CA LEU A 109 -6.70 2.27 3.31
C LEU A 109 -7.83 2.11 4.32
N LYS A 110 -8.60 3.18 4.50
CA LYS A 110 -9.70 3.18 5.44
C LYS A 110 -10.72 2.10 5.10
N ARG A 111 -11.08 2.02 3.82
CA ARG A 111 -12.05 1.03 3.38
C ARG A 111 -11.41 -0.34 3.31
N GLN A 112 -10.11 -0.34 3.27
CA GLN A 112 -9.36 -1.57 3.21
C GLN A 112 -9.50 -2.30 4.54
N GLY A 113 -10.02 -1.57 5.52
CA GLY A 113 -10.24 -2.13 6.86
C GLY A 113 -9.30 -1.48 7.89
N ARG A 114 -8.85 -0.26 7.60
CA ARG A 114 -7.96 0.46 8.51
C ARG A 114 -8.75 1.51 9.28
N THR A 115 -8.25 1.86 10.44
CA THR A 115 -8.90 2.85 11.29
C THR A 115 -10.14 2.25 11.95
N LEU A 116 -10.68 1.21 11.32
CA LEU A 116 -11.87 0.55 11.85
C LEU A 116 -12.93 1.56 12.22
N TYR A 117 -12.87 2.73 11.59
CA TYR A 117 -13.83 3.78 11.86
C TYR A 117 -13.96 4.03 13.36
N GLY A 118 -13.04 3.46 14.14
CA GLY A 118 -13.06 3.63 15.59
C GLY A 118 -13.96 2.60 16.28
N PHE A 119 -14.51 1.69 15.48
CA PHE A 119 -15.38 0.65 16.02
C PHE A 119 -14.61 -0.24 16.99
N GLY A 120 -13.35 -0.53 16.65
CA GLY A 120 -12.53 -1.36 17.51
C GLY A 120 -11.88 -0.54 18.59
N GLY A 121 -12.41 -0.68 19.79
CA GLY A 121 -11.91 0.05 20.94
C GLY A 121 -10.38 0.01 20.98
N LEU A 1 24.10 12.14 -3.64
CA LEU A 1 22.93 11.42 -4.24
C LEU A 1 22.15 10.74 -3.13
N ILE A 2 22.57 10.94 -1.89
CA ILE A 2 21.89 10.33 -0.75
C ILE A 2 20.46 10.84 -0.64
N SER A 3 20.23 12.05 -1.11
CA SER A 3 18.90 12.65 -1.05
C SER A 3 17.91 11.80 -1.86
N LYS A 4 18.33 11.36 -3.03
CA LYS A 4 17.47 10.55 -3.89
C LYS A 4 17.19 9.21 -3.22
N ILE A 5 15.94 8.74 -3.36
CA ILE A 5 15.54 7.46 -2.75
C ILE A 5 15.22 6.44 -3.86
N PRO A 6 16.17 5.60 -4.23
CA PRO A 6 15.94 4.57 -5.29
C PRO A 6 14.69 3.73 -5.04
N PHE A 7 14.43 3.41 -3.78
CA PHE A 7 13.25 2.60 -3.45
C PHE A 7 11.98 3.33 -3.84
N ALA A 8 11.95 4.63 -3.57
CA ALA A 8 10.79 5.42 -3.93
C ALA A 8 10.59 5.35 -5.42
N ARG A 9 11.69 5.39 -6.15
CA ARG A 9 11.62 5.32 -7.60
C ARG A 9 11.11 3.95 -8.04
N LEU A 10 11.58 2.89 -7.38
CA LEU A 10 11.16 1.54 -7.74
C LEU A 10 9.70 1.31 -7.40
N VAL A 11 9.30 1.76 -6.22
CA VAL A 11 7.93 1.60 -5.79
C VAL A 11 7.04 2.40 -6.73
N LYS A 12 7.48 3.62 -7.00
CA LYS A 12 6.74 4.48 -7.91
C LYS A 12 6.69 3.87 -9.28
N GLU A 13 7.78 3.23 -9.69
CA GLU A 13 7.81 2.63 -11.02
C GLU A 13 6.80 1.48 -11.12
N VAL A 14 6.74 0.62 -10.11
CA VAL A 14 5.78 -0.47 -10.14
C VAL A 14 4.36 0.09 -10.11
N THR A 15 4.17 1.03 -9.22
CA THR A 15 2.87 1.65 -9.06
C THR A 15 2.48 2.36 -10.35
N ASP A 16 3.46 3.01 -10.99
CA ASP A 16 3.20 3.75 -12.22
C ASP A 16 2.69 2.82 -13.31
N GLU A 17 3.25 1.61 -13.38
CA GLU A 17 2.82 0.64 -14.37
C GLU A 17 1.36 0.33 -14.16
N PHE A 18 0.97 0.22 -12.90
CA PHE A 18 -0.42 -0.04 -12.58
C PHE A 18 -1.23 1.23 -12.84
N THR A 19 -0.64 2.35 -12.44
CA THR A 19 -1.25 3.66 -12.62
C THR A 19 -1.00 4.15 -14.03
N THR A 20 -0.53 3.26 -14.88
CA THR A 20 -0.27 3.62 -16.28
C THR A 20 -1.42 4.45 -16.82
N LYS A 21 -2.54 4.41 -16.08
CA LYS A 21 -3.70 5.20 -16.41
C LYS A 21 -3.39 6.66 -16.17
N ASP A 22 -2.13 7.02 -16.23
CA ASP A 22 -1.76 8.40 -16.00
C ASP A 22 -2.17 9.22 -17.21
N GLN A 23 -3.39 8.95 -17.69
CA GLN A 23 -3.90 9.66 -18.86
C GLN A 23 -3.69 11.15 -18.67
N ASP A 24 -4.20 11.64 -17.56
CA ASP A 24 -4.09 13.06 -17.23
C ASP A 24 -3.78 13.27 -15.76
N LEU A 25 -3.56 12.17 -15.05
CA LEU A 25 -3.29 12.24 -13.62
C LEU A 25 -2.02 13.03 -13.32
N ARG A 26 -1.89 13.34 -12.04
CA ARG A 26 -0.75 14.09 -11.54
C ARG A 26 -0.33 13.55 -10.19
N TRP A 27 0.98 13.37 -10.00
CA TRP A 27 1.49 12.84 -8.74
C TRP A 27 2.02 13.96 -7.83
N GLN A 28 1.33 14.15 -6.72
CA GLN A 28 1.74 15.15 -5.74
C GLN A 28 2.80 14.54 -4.85
N SER A 29 3.58 15.36 -4.16
CA SER A 29 4.61 14.82 -3.28
C SER A 29 3.96 13.98 -2.19
N MET A 30 2.68 14.22 -1.95
CA MET A 30 1.94 13.47 -0.95
C MET A 30 1.80 12.03 -1.43
N ALA A 31 1.61 11.86 -2.72
CA ALA A 31 1.46 10.53 -3.29
C ALA A 31 2.63 9.67 -2.82
N ILE A 32 3.81 10.25 -2.87
CA ILE A 32 5.04 9.58 -2.45
C ILE A 32 5.01 9.34 -0.95
N MET A 33 4.51 10.30 -0.21
CA MET A 33 4.42 10.17 1.24
C MET A 33 3.53 8.98 1.52
N ALA A 34 2.51 8.82 0.70
CA ALA A 34 1.57 7.73 0.81
C ALA A 34 2.30 6.40 0.65
N LEU A 35 3.27 6.35 -0.26
CA LEU A 35 4.01 5.13 -0.48
C LEU A 35 4.75 4.76 0.80
N GLN A 36 5.28 5.76 1.47
CA GLN A 36 6.02 5.54 2.69
C GLN A 36 5.07 5.06 3.80
N GLU A 37 3.90 5.68 3.84
CA GLU A 37 2.89 5.31 4.82
C GLU A 37 2.42 3.89 4.58
N ALA A 38 2.29 3.54 3.31
CA ALA A 38 1.81 2.21 2.93
C ALA A 38 2.76 1.10 3.35
N SER A 39 4.05 1.28 3.10
CA SER A 39 5.00 0.25 3.44
C SER A 39 5.16 0.09 4.94
N GLU A 40 5.24 1.20 5.64
CA GLU A 40 5.40 1.16 7.10
C GLU A 40 4.10 0.72 7.77
N ALA A 41 2.98 1.07 7.14
CA ALA A 41 1.68 0.71 7.68
C ALA A 41 1.43 -0.77 7.55
N TYR A 42 1.78 -1.31 6.40
CA TYR A 42 1.59 -2.72 6.15
C TYR A 42 2.45 -3.53 7.09
N LEU A 43 3.66 -3.04 7.31
CA LEU A 43 4.61 -3.73 8.20
C LEU A 43 4.12 -3.79 9.62
N VAL A 44 3.66 -2.68 10.15
CA VAL A 44 3.20 -2.66 11.52
C VAL A 44 2.07 -3.66 11.63
N GLY A 45 1.23 -3.65 10.62
CA GLY A 45 0.11 -4.57 10.57
C GLY A 45 0.59 -6.02 10.49
N LEU A 46 1.63 -6.24 9.69
CA LEU A 46 2.20 -7.58 9.52
C LEU A 46 2.90 -8.05 10.79
N LEU A 47 3.68 -7.14 11.34
CA LEU A 47 4.43 -7.38 12.55
C LEU A 47 3.49 -7.73 13.70
N GLU A 48 2.49 -6.90 13.87
CA GLU A 48 1.50 -7.12 14.90
C GLU A 48 0.67 -8.36 14.57
N HIS A 49 0.36 -8.54 13.28
CA HIS A 49 -0.44 -9.69 12.86
C HIS A 49 0.31 -11.00 13.09
N THR A 50 1.59 -11.04 12.70
CA THR A 50 2.40 -12.26 12.86
C THR A 50 3.19 -12.23 14.16
N ASN A 51 4.39 -12.79 14.13
CA ASN A 51 5.27 -12.85 15.29
C ASN A 51 4.64 -13.66 16.42
N LEU A 52 3.41 -14.08 16.22
CA LEU A 52 2.73 -14.88 17.24
C LEU A 52 3.30 -16.29 17.26
N LEU A 53 4.08 -16.60 16.23
CA LEU A 53 4.69 -17.92 16.11
C LEU A 53 5.68 -18.09 17.25
N ALA A 54 6.17 -16.96 17.70
CA ALA A 54 7.14 -16.93 18.80
C ALA A 54 6.54 -17.52 20.07
N LEU A 55 5.23 -17.79 20.03
CA LEU A 55 4.52 -18.35 21.17
C LEU A 55 4.68 -19.87 21.18
N HIS A 56 5.61 -20.36 20.37
CA HIS A 56 5.87 -21.80 20.27
C HIS A 56 4.69 -22.52 19.65
N LEU A 57 4.17 -21.95 18.55
CA LEU A 57 3.03 -22.56 17.85
C LEU A 57 3.53 -23.53 16.79
N VAL A 58 2.62 -24.37 16.32
CA VAL A 58 2.94 -25.38 15.31
C VAL A 58 2.07 -25.19 14.07
N PRO A 59 2.56 -24.51 13.06
CA PRO A 59 1.79 -24.27 11.80
C PRO A 59 1.22 -25.57 11.22
N ARG A 60 -0.02 -25.49 10.72
CA ARG A 60 -0.67 -26.66 10.14
C ARG A 60 -0.32 -26.82 8.67
N GLY A 61 0.46 -25.89 8.14
CA GLY A 61 0.85 -25.93 6.73
C GLY A 61 -0.28 -25.36 5.88
N SER A 62 -1.33 -24.92 6.55
CA SER A 62 -2.48 -24.34 5.89
C SER A 62 -2.11 -23.00 5.26
N LYS A 63 -1.01 -22.41 5.72
CA LYS A 63 -0.54 -21.13 5.19
C LYS A 63 0.90 -21.29 4.70
N ARG A 64 1.05 -21.27 3.38
CA ARG A 64 2.37 -21.43 2.80
C ARG A 64 3.19 -20.15 2.94
N ILE A 65 4.39 -20.26 3.49
CA ILE A 65 5.27 -19.11 3.68
C ILE A 65 6.15 -18.88 2.46
N SER A 66 6.62 -19.98 1.88
CA SER A 66 7.50 -19.91 0.71
C SER A 66 8.91 -19.56 1.16
N GLY A 67 9.01 -18.94 2.33
CA GLY A 67 10.30 -18.54 2.89
C GLY A 67 10.69 -17.14 2.44
N LEU A 68 9.95 -16.59 1.48
CA LEU A 68 10.23 -15.25 0.97
C LEU A 68 9.17 -14.26 1.43
N ILE A 69 9.43 -13.63 2.57
CA ILE A 69 8.51 -12.65 3.12
C ILE A 69 8.39 -11.48 2.15
N TYR A 70 9.54 -11.07 1.61
CA TYR A 70 9.57 -9.95 0.68
C TYR A 70 8.71 -10.23 -0.56
N GLU A 71 8.83 -11.42 -1.13
CA GLU A 71 8.05 -11.76 -2.33
C GLU A 71 6.55 -11.66 -2.04
N GLU A 72 6.13 -12.21 -0.90
CA GLU A 72 4.72 -12.16 -0.54
C GLU A 72 4.26 -10.73 -0.35
N VAL A 73 5.09 -9.95 0.33
CA VAL A 73 4.81 -8.56 0.59
C VAL A 73 4.75 -7.80 -0.72
N ARG A 74 5.61 -8.18 -1.61
CA ARG A 74 5.69 -7.52 -2.91
C ARG A 74 4.37 -7.65 -3.64
N ALA A 75 3.86 -8.87 -3.70
CA ALA A 75 2.61 -9.13 -4.39
C ALA A 75 1.40 -8.63 -3.61
N VAL A 76 1.54 -8.52 -2.29
CA VAL A 76 0.42 -8.05 -1.49
C VAL A 76 0.38 -6.54 -1.57
N LEU A 77 1.57 -5.93 -1.67
CA LEU A 77 1.62 -4.49 -1.83
C LEU A 77 1.06 -4.13 -3.18
N LYS A 78 1.35 -4.99 -4.14
CA LYS A 78 0.87 -4.80 -5.47
C LYS A 78 -0.64 -4.76 -5.46
N SER A 79 -1.24 -5.66 -4.71
CA SER A 79 -2.68 -5.69 -4.59
C SER A 79 -3.17 -4.39 -3.99
N PHE A 80 -2.49 -3.94 -2.94
CA PHE A 80 -2.83 -2.70 -2.29
C PHE A 80 -2.69 -1.52 -3.26
N LEU A 81 -1.53 -1.42 -3.90
CA LEU A 81 -1.29 -0.34 -4.84
C LEU A 81 -2.31 -0.38 -5.97
N GLU A 82 -2.53 -1.57 -6.53
CA GLU A 82 -3.48 -1.72 -7.62
C GLU A 82 -4.88 -1.27 -7.22
N SER A 83 -5.32 -1.77 -6.08
CA SER A 83 -6.63 -1.40 -5.56
C SER A 83 -6.70 0.08 -5.26
N VAL A 84 -5.59 0.61 -4.74
CA VAL A 84 -5.55 2.00 -4.36
C VAL A 84 -5.81 2.87 -5.57
N ILE A 85 -5.21 2.51 -6.69
CA ILE A 85 -5.40 3.25 -7.91
C ILE A 85 -6.84 3.18 -8.33
N ARG A 86 -7.39 1.98 -8.25
CA ARG A 86 -8.77 1.79 -8.64
C ARG A 86 -9.67 2.65 -7.75
N ASP A 87 -9.33 2.70 -6.48
CA ASP A 87 -10.10 3.49 -5.54
C ASP A 87 -9.82 4.98 -5.71
N SER A 88 -8.60 5.28 -6.09
CA SER A 88 -8.14 6.65 -6.25
C SER A 88 -8.70 7.27 -7.51
N VAL A 89 -8.63 6.53 -8.59
CA VAL A 89 -9.17 7.01 -9.84
C VAL A 89 -10.65 7.18 -9.64
N THR A 90 -11.21 6.27 -8.88
CA THR A 90 -12.62 6.29 -8.57
C THR A 90 -13.01 7.56 -7.81
N TYR A 91 -12.24 7.88 -6.77
CA TYR A 91 -12.52 9.08 -5.99
C TYR A 91 -12.15 10.33 -6.78
N THR A 92 -11.07 10.24 -7.55
CA THR A 92 -10.66 11.39 -8.33
C THR A 92 -11.69 11.60 -9.42
N GLU A 93 -12.07 10.52 -10.08
CA GLU A 93 -13.09 10.60 -11.10
C GLU A 93 -14.38 11.07 -10.47
N HIS A 94 -14.62 10.63 -9.23
CA HIS A 94 -15.82 11.06 -8.52
C HIS A 94 -15.79 12.57 -8.42
N ALA A 95 -14.58 13.06 -8.21
CA ALA A 95 -14.31 14.49 -8.11
C ALA A 95 -13.77 14.97 -9.44
N LYS A 96 -14.06 14.20 -10.50
CA LYS A 96 -13.61 14.49 -11.85
C LYS A 96 -12.22 15.12 -11.82
N ARG A 97 -11.42 14.61 -10.92
CA ARG A 97 -10.05 15.08 -10.75
C ARG A 97 -9.08 14.12 -11.40
N LYS A 98 -7.88 14.60 -11.60
CA LYS A 98 -6.81 13.80 -12.20
C LYS A 98 -5.53 14.11 -11.42
N THR A 99 -5.42 13.49 -10.25
CA THR A 99 -4.29 13.69 -9.36
C THR A 99 -4.27 12.61 -8.29
N VAL A 100 -3.08 12.21 -7.84
CA VAL A 100 -2.95 11.19 -6.79
C VAL A 100 -2.50 11.86 -5.50
N THR A 101 -3.27 11.67 -4.42
CA THR A 101 -2.93 12.28 -3.14
C THR A 101 -2.90 11.24 -2.03
N SER A 102 -2.08 11.50 -1.03
CA SER A 102 -1.98 10.60 0.12
C SER A 102 -3.32 10.53 0.81
N LEU A 103 -4.12 11.53 0.55
CA LEU A 103 -5.43 11.59 1.16
C LEU A 103 -6.34 10.51 0.58
N ASP A 104 -6.36 10.42 -0.74
CA ASP A 104 -7.17 9.41 -1.39
C ASP A 104 -6.67 8.04 -0.97
N VAL A 105 -5.37 7.96 -0.76
CA VAL A 105 -4.76 6.71 -0.32
C VAL A 105 -5.31 6.35 1.05
N VAL A 106 -5.41 7.37 1.90
CA VAL A 106 -5.95 7.19 3.24
C VAL A 106 -7.38 6.69 3.17
N TYR A 107 -8.15 7.23 2.24
CA TYR A 107 -9.53 6.81 2.09
C TYR A 107 -9.55 5.33 1.73
N ALA A 108 -8.64 4.97 0.83
CA ALA A 108 -8.53 3.59 0.39
C ALA A 108 -8.16 2.70 1.57
N LEU A 109 -7.24 3.18 2.39
CA LEU A 109 -6.81 2.43 3.56
C LEU A 109 -7.95 2.33 4.58
N LYS A 110 -8.71 3.41 4.70
CA LYS A 110 -9.82 3.46 5.64
C LYS A 110 -10.87 2.40 5.34
N ARG A 111 -11.24 2.27 4.08
CA ARG A 111 -12.25 1.30 3.69
C ARG A 111 -11.70 -0.10 3.76
N GLN A 112 -10.39 -0.19 3.75
CA GLN A 112 -9.72 -1.47 3.81
C GLN A 112 -9.67 -1.96 5.25
N GLY A 113 -10.15 -1.12 6.16
CA GLY A 113 -10.20 -1.50 7.58
C GLY A 113 -9.24 -0.69 8.46
N ARG A 114 -9.04 0.59 8.12
CA ARG A 114 -8.15 1.45 8.91
C ARG A 114 -8.92 2.67 9.43
N THR A 115 -8.42 3.24 10.52
CA THR A 115 -9.05 4.41 11.11
C THR A 115 -10.51 4.10 11.45
N LEU A 116 -10.77 2.84 11.80
CA LEU A 116 -12.12 2.42 12.14
C LEU A 116 -12.43 2.73 13.61
N TYR A 117 -13.71 2.96 13.89
CA TYR A 117 -14.17 3.27 15.24
C TYR A 117 -14.78 2.02 15.87
N GLY A 118 -14.67 0.89 15.17
CA GLY A 118 -15.20 -0.38 15.65
C GLY A 118 -16.62 -0.60 15.17
N PHE A 119 -17.15 0.39 14.48
CA PHE A 119 -18.52 0.32 13.95
C PHE A 119 -18.51 0.06 12.45
N GLY A 120 -17.33 -0.21 11.90
CA GLY A 120 -17.21 -0.48 10.47
C GLY A 120 -17.35 -1.96 10.19
N GLY A 121 -18.51 -2.32 9.66
CA GLY A 121 -18.79 -3.71 9.34
C GLY A 121 -20.28 -3.94 9.14
N LEU A 1 18.95 14.69 -3.96
CA LEU A 1 19.96 13.80 -4.60
C LEU A 1 20.78 13.12 -3.51
N ILE A 2 21.19 13.90 -2.51
CA ILE A 2 21.98 13.36 -1.40
C ILE A 2 21.19 12.31 -0.64
N SER A 3 19.92 12.60 -0.38
CA SER A 3 19.07 11.67 0.36
C SER A 3 18.94 10.35 -0.39
N LYS A 4 18.84 10.45 -1.71
CA LYS A 4 18.70 9.26 -2.56
C LYS A 4 17.48 8.45 -2.14
N ILE A 5 16.52 8.32 -3.06
CA ILE A 5 15.29 7.57 -2.80
C ILE A 5 15.05 6.54 -3.90
N PRO A 6 15.98 5.64 -4.10
CA PRO A 6 15.86 4.59 -5.15
C PRO A 6 14.70 3.65 -4.89
N PHE A 7 14.38 3.42 -3.62
CA PHE A 7 13.28 2.53 -3.28
C PHE A 7 11.97 3.18 -3.70
N ALA A 8 11.86 4.48 -3.46
CA ALA A 8 10.67 5.23 -3.85
C ALA A 8 10.48 5.15 -5.35
N ARG A 9 11.59 5.23 -6.06
CA ARG A 9 11.56 5.15 -7.52
C ARG A 9 11.05 3.79 -7.98
N LEU A 10 11.46 2.74 -7.28
CA LEU A 10 11.02 1.40 -7.64
C LEU A 10 9.55 1.20 -7.33
N VAL A 11 9.14 1.66 -6.16
CA VAL A 11 7.76 1.53 -5.75
C VAL A 11 6.91 2.36 -6.68
N LYS A 12 7.37 3.58 -6.92
CA LYS A 12 6.67 4.47 -7.82
C LYS A 12 6.65 3.91 -9.22
N GLU A 13 7.76 3.29 -9.63
CA GLU A 13 7.80 2.72 -10.97
C GLU A 13 6.82 1.56 -11.13
N VAL A 14 6.78 0.67 -10.16
CA VAL A 14 5.84 -0.45 -10.22
C VAL A 14 4.42 0.09 -10.20
N THR A 15 4.20 1.01 -9.28
CA THR A 15 2.90 1.59 -9.12
C THR A 15 2.51 2.34 -10.39
N ASP A 16 3.48 3.03 -11.00
CA ASP A 16 3.22 3.79 -12.21
C ASP A 16 2.73 2.88 -13.33
N GLU A 17 3.31 1.69 -13.43
CA GLU A 17 2.92 0.74 -14.45
C GLU A 17 1.46 0.40 -14.27
N PHE A 18 1.06 0.25 -13.01
CA PHE A 18 -0.33 -0.03 -12.72
C PHE A 18 -1.14 1.23 -12.96
N THR A 19 -0.60 2.35 -12.50
CA THR A 19 -1.23 3.65 -12.65
C THR A 19 -0.97 4.19 -14.03
N THR A 20 -0.47 3.33 -14.92
CA THR A 20 -0.21 3.74 -16.29
C THR A 20 -1.39 4.54 -16.81
N LYS A 21 -2.51 4.46 -16.08
CA LYS A 21 -3.71 5.20 -16.39
C LYS A 21 -3.46 6.69 -16.20
N ASP A 22 -2.18 7.10 -16.29
CA ASP A 22 -1.83 8.50 -16.13
C ASP A 22 -2.34 9.29 -17.32
N GLN A 23 -3.54 8.93 -17.76
CA GLN A 23 -4.18 9.57 -18.89
C GLN A 23 -4.21 11.08 -18.73
N ASP A 24 -4.14 11.53 -17.48
CA ASP A 24 -4.17 12.95 -17.20
C ASP A 24 -3.89 13.18 -15.72
N LEU A 25 -3.70 12.09 -14.99
CA LEU A 25 -3.45 12.18 -13.55
C LEU A 25 -2.13 12.89 -13.26
N ARG A 26 -1.97 13.23 -11.99
CA ARG A 26 -0.79 13.94 -11.53
C ARG A 26 -0.36 13.42 -10.16
N TRP A 27 0.95 13.22 -9.99
CA TRP A 27 1.48 12.72 -8.72
C TRP A 27 2.03 13.85 -7.84
N GLN A 28 1.37 14.05 -6.72
CA GLN A 28 1.81 15.05 -5.75
C GLN A 28 2.86 14.45 -4.84
N SER A 29 3.62 15.27 -4.15
CA SER A 29 4.65 14.76 -3.25
C SER A 29 3.98 13.92 -2.16
N MET A 30 2.69 14.17 -1.95
CA MET A 30 1.92 13.44 -0.95
C MET A 30 1.79 11.99 -1.40
N ALA A 31 1.63 11.81 -2.70
CA ALA A 31 1.49 10.47 -3.27
C ALA A 31 2.68 9.62 -2.84
N ILE A 32 3.85 10.23 -2.84
CA ILE A 32 5.07 9.55 -2.43
C ILE A 32 5.06 9.30 -0.93
N MET A 33 4.57 10.27 -0.18
CA MET A 33 4.47 10.14 1.26
C MET A 33 3.57 8.97 1.56
N ALA A 34 2.53 8.84 0.75
CA ALA A 34 1.59 7.75 0.88
C ALA A 34 2.30 6.43 0.72
N LEU A 35 3.27 6.38 -0.19
CA LEU A 35 4.00 5.13 -0.39
C LEU A 35 4.78 4.79 0.87
N GLN A 36 5.34 5.80 1.50
CA GLN A 36 6.10 5.59 2.71
C GLN A 36 5.19 5.09 3.81
N GLU A 37 4.00 5.70 3.87
CA GLU A 37 3.02 5.31 4.86
C GLU A 37 2.53 3.90 4.57
N ALA A 38 2.40 3.60 3.28
CA ALA A 38 1.91 2.29 2.84
C ALA A 38 2.83 1.15 3.25
N SER A 39 4.12 1.29 2.99
CA SER A 39 5.06 0.24 3.32
C SER A 39 5.16 0.04 4.82
N GLU A 40 5.33 1.12 5.55
CA GLU A 40 5.46 1.05 7.00
C GLU A 40 4.14 0.64 7.65
N ALA A 41 3.03 1.02 7.02
CA ALA A 41 1.71 0.71 7.56
C ALA A 41 1.42 -0.78 7.45
N TYR A 42 1.78 -1.35 6.31
CA TYR A 42 1.54 -2.76 6.12
C TYR A 42 2.38 -3.55 7.09
N LEU A 43 3.61 -3.09 7.26
CA LEU A 43 4.55 -3.76 8.15
C LEU A 43 4.09 -3.76 9.59
N VAL A 44 3.69 -2.60 10.08
CA VAL A 44 3.23 -2.51 11.45
C VAL A 44 2.06 -3.45 11.61
N GLY A 45 1.21 -3.42 10.60
CA GLY A 45 0.04 -4.27 10.58
C GLY A 45 0.45 -5.75 10.57
N LEU A 46 1.48 -6.06 9.80
CA LEU A 46 1.97 -7.43 9.69
C LEU A 46 2.63 -7.87 10.99
N LEU A 47 3.47 -6.99 11.50
CA LEU A 47 4.22 -7.22 12.72
C LEU A 47 3.23 -7.41 13.87
N GLU A 48 2.30 -6.49 13.98
CA GLU A 48 1.29 -6.56 15.01
C GLU A 48 0.38 -7.77 14.77
N HIS A 49 0.09 -8.05 13.49
CA HIS A 49 -0.77 -9.18 13.17
C HIS A 49 -0.15 -10.50 13.59
N THR A 50 1.14 -10.70 13.27
CA THR A 50 1.81 -11.94 13.63
C THR A 50 2.46 -11.84 15.00
N ASN A 51 1.74 -12.33 16.01
CA ASN A 51 2.22 -12.30 17.38
C ASN A 51 1.22 -12.97 18.33
N LEU A 52 -0.05 -12.97 17.93
CA LEU A 52 -1.10 -13.57 18.76
C LEU A 52 -1.12 -15.09 18.61
N LEU A 53 -0.45 -15.58 17.58
CA LEU A 53 -0.39 -17.01 17.34
C LEU A 53 0.32 -17.65 18.51
N ALA A 54 1.27 -16.91 19.03
CA ALA A 54 2.08 -17.38 20.16
C ALA A 54 1.22 -17.69 21.39
N LEU A 55 0.00 -17.14 21.43
CA LEU A 55 -0.87 -17.38 22.58
C LEU A 55 -1.24 -18.86 22.70
N HIS A 56 -1.50 -19.50 21.56
CA HIS A 56 -1.88 -20.92 21.55
C HIS A 56 -1.05 -21.68 20.52
N LEU A 57 -0.69 -20.99 19.45
CA LEU A 57 0.09 -21.59 18.37
C LEU A 57 1.58 -21.31 18.56
N VAL A 58 2.39 -22.06 17.83
CA VAL A 58 3.84 -21.93 17.88
C VAL A 58 4.40 -21.67 16.48
N PRO A 59 4.65 -20.43 16.11
CA PRO A 59 5.18 -20.10 14.76
C PRO A 59 6.41 -20.91 14.40
N ARG A 60 6.45 -21.39 13.14
CA ARG A 60 7.57 -22.18 12.64
C ARG A 60 8.32 -21.41 11.56
N GLY A 61 8.17 -20.08 11.58
CA GLY A 61 8.83 -19.23 10.59
C GLY A 61 10.25 -18.88 11.01
N SER A 62 10.81 -19.69 11.91
CA SER A 62 12.18 -19.46 12.39
C SER A 62 13.18 -19.51 11.23
N LYS A 63 12.95 -20.43 10.30
CA LYS A 63 13.83 -20.58 9.15
C LYS A 63 13.90 -19.30 8.31
N ARG A 64 12.76 -18.62 8.21
CA ARG A 64 12.69 -17.37 7.45
C ARG A 64 13.14 -17.54 5.99
N ILE A 65 13.62 -18.74 5.61
CA ILE A 65 14.06 -18.98 4.24
C ILE A 65 13.16 -20.01 3.55
N SER A 66 12.06 -20.37 4.22
CA SER A 66 11.13 -21.35 3.66
C SER A 66 10.55 -20.81 2.36
N GLY A 67 10.25 -19.51 2.36
CA GLY A 67 9.68 -18.85 1.19
C GLY A 67 10.20 -17.42 1.10
N LEU A 68 10.02 -16.80 -0.07
CA LEU A 68 10.51 -15.45 -0.27
C LEU A 68 9.56 -14.46 0.41
N ILE A 69 10.00 -13.91 1.52
CA ILE A 69 9.20 -12.93 2.25
C ILE A 69 8.98 -11.70 1.36
N TYR A 70 10.04 -11.29 0.67
CA TYR A 70 9.97 -10.12 -0.20
C TYR A 70 8.95 -10.35 -1.31
N GLU A 71 8.92 -11.55 -1.89
CA GLU A 71 7.98 -11.82 -2.96
C GLU A 71 6.55 -11.62 -2.47
N GLU A 72 6.26 -12.15 -1.29
CA GLU A 72 4.94 -12.01 -0.70
C GLU A 72 4.59 -10.56 -0.42
N VAL A 73 5.52 -9.85 0.19
CA VAL A 73 5.28 -8.47 0.52
C VAL A 73 5.08 -7.67 -0.74
N ARG A 74 5.90 -7.96 -1.73
CA ARG A 74 5.82 -7.24 -3.00
C ARG A 74 4.51 -7.48 -3.74
N ALA A 75 4.12 -8.74 -3.85
CA ALA A 75 2.89 -9.07 -4.55
C ALA A 75 1.68 -8.62 -3.74
N VAL A 76 1.86 -8.59 -2.44
CA VAL A 76 0.82 -8.15 -1.55
C VAL A 76 0.68 -6.65 -1.64
N LEU A 77 1.82 -5.97 -1.75
CA LEU A 77 1.79 -4.52 -1.90
C LEU A 77 1.21 -4.17 -3.24
N LYS A 78 1.54 -4.99 -4.22
CA LYS A 78 1.05 -4.81 -5.55
C LYS A 78 -0.47 -4.79 -5.53
N SER A 79 -1.04 -5.71 -4.78
CA SER A 79 -2.48 -5.76 -4.63
C SER A 79 -2.99 -4.46 -4.02
N PHE A 80 -2.29 -4.01 -2.97
CA PHE A 80 -2.65 -2.76 -2.31
C PHE A 80 -2.54 -1.60 -3.29
N LEU A 81 -1.40 -1.49 -3.95
CA LEU A 81 -1.19 -0.40 -4.89
C LEU A 81 -2.23 -0.45 -6.01
N GLU A 82 -2.44 -1.63 -6.56
CA GLU A 82 -3.40 -1.79 -7.66
C GLU A 82 -4.79 -1.35 -7.23
N SER A 83 -5.20 -1.85 -6.07
CA SER A 83 -6.52 -1.48 -5.53
C SER A 83 -6.58 0.00 -5.24
N VAL A 84 -5.47 0.54 -4.74
CA VAL A 84 -5.42 1.93 -4.37
C VAL A 84 -5.70 2.80 -5.58
N ILE A 85 -5.12 2.43 -6.71
CA ILE A 85 -5.31 3.16 -7.93
C ILE A 85 -6.76 3.10 -8.35
N ARG A 86 -7.32 1.91 -8.24
CA ARG A 86 -8.71 1.73 -8.59
C ARG A 86 -9.59 2.59 -7.70
N ASP A 87 -9.24 2.63 -6.43
CA ASP A 87 -10.00 3.43 -5.47
C ASP A 87 -9.71 4.92 -5.65
N SER A 88 -8.48 5.21 -6.03
CA SER A 88 -8.03 6.58 -6.20
C SER A 88 -8.59 7.20 -7.44
N VAL A 89 -8.58 6.44 -8.51
CA VAL A 89 -9.12 6.90 -9.75
C VAL A 89 -10.61 7.09 -9.54
N THR A 90 -11.17 6.18 -8.77
CA THR A 90 -12.57 6.21 -8.44
C THR A 90 -12.96 7.46 -7.66
N TYR A 91 -12.21 7.76 -6.61
CA TYR A 91 -12.49 8.95 -5.81
C TYR A 91 -12.11 10.20 -6.57
N THR A 92 -11.03 10.11 -7.33
CA THR A 92 -10.61 11.28 -8.09
C THR A 92 -11.64 11.51 -9.19
N GLU A 93 -11.99 10.44 -9.88
CA GLU A 93 -13.00 10.55 -10.91
C GLU A 93 -14.31 11.00 -10.28
N HIS A 94 -14.57 10.53 -9.05
CA HIS A 94 -15.79 10.91 -8.38
C HIS A 94 -15.80 12.42 -8.25
N ALA A 95 -14.61 12.95 -8.00
CA ALA A 95 -14.41 14.38 -7.88
C ALA A 95 -13.83 14.90 -9.18
N LYS A 96 -14.05 14.15 -10.26
CA LYS A 96 -13.56 14.49 -11.58
C LYS A 96 -12.17 15.12 -11.50
N ARG A 97 -11.38 14.61 -10.58
CA ARG A 97 -10.00 15.07 -10.39
C ARG A 97 -9.04 14.13 -11.09
N LYS A 98 -7.86 14.66 -11.38
CA LYS A 98 -6.81 13.89 -12.03
C LYS A 98 -5.52 14.14 -11.25
N THR A 99 -5.40 13.47 -10.11
CA THR A 99 -4.26 13.64 -9.24
C THR A 99 -4.23 12.55 -8.18
N VAL A 100 -3.03 12.12 -7.77
CA VAL A 100 -2.90 11.10 -6.73
C VAL A 100 -2.46 11.78 -5.45
N THR A 101 -3.26 11.64 -4.39
CA THR A 101 -2.93 12.27 -3.11
C THR A 101 -2.92 11.24 -1.99
N SER A 102 -2.10 11.52 -0.99
CA SER A 102 -2.01 10.62 0.15
C SER A 102 -3.36 10.55 0.83
N LEU A 103 -4.15 11.55 0.58
CA LEU A 103 -5.47 11.64 1.15
C LEU A 103 -6.37 10.57 0.57
N ASP A 104 -6.34 10.42 -0.74
CA ASP A 104 -7.16 9.42 -1.40
C ASP A 104 -6.65 8.05 -0.99
N VAL A 105 -5.34 7.97 -0.77
CA VAL A 105 -4.73 6.73 -0.33
C VAL A 105 -5.31 6.36 1.02
N VAL A 106 -5.42 7.38 1.87
CA VAL A 106 -5.98 7.20 3.19
C VAL A 106 -7.43 6.74 3.08
N TYR A 107 -8.16 7.31 2.13
CA TYR A 107 -9.54 6.93 1.94
C TYR A 107 -9.58 5.47 1.52
N ALA A 108 -8.63 5.10 0.66
CA ALA A 108 -8.55 3.73 0.18
C ALA A 108 -8.23 2.80 1.34
N LEU A 109 -7.34 3.24 2.22
CA LEU A 109 -6.94 2.45 3.37
C LEU A 109 -8.10 2.34 4.37
N LYS A 110 -8.83 3.42 4.52
CA LYS A 110 -9.96 3.49 5.44
C LYS A 110 -11.02 2.46 5.07
N ARG A 111 -11.35 2.37 3.80
CA ARG A 111 -12.37 1.44 3.35
C ARG A 111 -11.82 0.02 3.39
N GLN A 112 -10.51 -0.08 3.44
CA GLN A 112 -9.86 -1.37 3.49
C GLN A 112 -9.97 -1.93 4.90
N GLY A 113 -10.55 -1.12 5.79
CA GLY A 113 -10.77 -1.54 7.18
C GLY A 113 -9.86 -0.78 8.15
N ARG A 114 -9.21 0.27 7.68
CA ARG A 114 -8.33 1.06 8.53
C ARG A 114 -9.13 2.20 9.16
N THR A 115 -8.65 2.69 10.28
CA THR A 115 -9.29 3.77 11.00
C THR A 115 -10.40 3.22 11.91
N LEU A 116 -10.97 2.09 11.51
CA LEU A 116 -12.04 1.45 12.29
C LEU A 116 -13.18 2.46 12.52
N TYR A 117 -14.33 2.17 11.95
CA TYR A 117 -15.48 3.04 12.11
C TYR A 117 -15.98 3.01 13.54
N GLY A 118 -15.73 1.91 14.22
CA GLY A 118 -16.15 1.74 15.63
C GLY A 118 -16.84 0.41 15.84
N PHE A 119 -16.84 -0.43 14.81
CA PHE A 119 -17.47 -1.74 14.90
C PHE A 119 -16.79 -2.58 15.97
N GLY A 120 -15.47 -2.48 16.06
CA GLY A 120 -14.72 -3.24 17.05
C GLY A 120 -14.65 -2.50 18.36
N GLY A 121 -15.48 -2.94 19.30
CA GLY A 121 -15.53 -2.34 20.61
C GLY A 121 -16.22 -0.97 20.56
N LEU A 1 21.33 13.71 -9.03
CA LEU A 1 20.47 14.93 -8.92
C LEU A 1 19.01 14.50 -8.78
N ILE A 2 18.44 14.00 -9.87
CA ILE A 2 17.05 13.55 -9.86
C ILE A 2 16.94 12.14 -9.30
N SER A 3 18.09 11.55 -8.97
CA SER A 3 18.10 10.20 -8.42
C SER A 3 17.32 10.13 -7.11
N LYS A 4 17.53 11.13 -6.25
CA LYS A 4 16.84 11.16 -4.96
C LYS A 4 16.87 9.77 -4.31
N ILE A 5 15.71 9.30 -3.84
CA ILE A 5 15.64 7.98 -3.22
C ILE A 5 15.37 6.91 -4.29
N PRO A 6 16.23 5.92 -4.46
CA PRO A 6 15.99 4.88 -5.51
C PRO A 6 14.79 4.01 -5.19
N PHE A 7 14.57 3.76 -3.90
CA PHE A 7 13.44 2.95 -3.49
C PHE A 7 12.13 3.60 -3.89
N ALA A 8 12.03 4.90 -3.63
CA ALA A 8 10.83 5.63 -4.00
C ALA A 8 10.63 5.53 -5.50
N ARG A 9 11.72 5.61 -6.25
CA ARG A 9 11.63 5.51 -7.69
C ARG A 9 11.17 4.11 -8.10
N LEU A 10 11.67 3.08 -7.42
CA LEU A 10 11.28 1.72 -7.76
C LEU A 10 9.83 1.45 -7.43
N VAL A 11 9.42 1.91 -6.26
CA VAL A 11 8.05 1.71 -5.83
C VAL A 11 7.15 2.51 -6.75
N LYS A 12 7.55 3.74 -7.01
CA LYS A 12 6.80 4.60 -7.91
C LYS A 12 6.75 4.00 -9.29
N GLU A 13 7.86 3.40 -9.72
CA GLU A 13 7.93 2.82 -11.05
C GLU A 13 6.95 1.65 -11.22
N VAL A 14 6.92 0.74 -10.24
CA VAL A 14 5.99 -0.39 -10.31
C VAL A 14 4.58 0.13 -10.34
N THR A 15 4.34 1.09 -9.47
CA THR A 15 3.04 1.67 -9.35
C THR A 15 2.68 2.45 -10.59
N ASP A 16 3.68 3.05 -11.23
CA ASP A 16 3.42 3.83 -12.42
C ASP A 16 2.88 2.91 -13.51
N GLU A 17 3.38 1.69 -13.53
CA GLU A 17 2.95 0.70 -14.52
C GLU A 17 1.49 0.41 -14.27
N PHE A 18 1.15 0.31 -13.00
CA PHE A 18 -0.22 0.05 -12.60
C PHE A 18 -1.05 1.30 -12.87
N THR A 19 -0.45 2.43 -12.56
CA THR A 19 -1.05 3.73 -12.75
C THR A 19 -0.84 4.20 -14.16
N THR A 20 -0.36 3.29 -15.01
CA THR A 20 -0.13 3.62 -16.41
C THR A 20 -1.33 4.38 -16.95
N LYS A 21 -2.43 4.31 -16.20
CA LYS A 21 -3.64 5.02 -16.53
C LYS A 21 -3.43 6.51 -16.30
N ASP A 22 -2.17 6.94 -16.36
CA ASP A 22 -1.85 8.34 -16.16
C ASP A 22 -2.32 9.13 -17.37
N GLN A 23 -3.52 8.79 -17.82
CA GLN A 23 -4.12 9.44 -18.97
C GLN A 23 -4.16 10.94 -18.76
N ASP A 24 -4.10 11.35 -17.51
CA ASP A 24 -4.11 12.77 -17.17
C ASP A 24 -3.85 12.94 -15.68
N LEU A 25 -3.79 11.83 -14.96
CA LEU A 25 -3.56 11.89 -13.52
C LEU A 25 -2.34 12.72 -13.19
N ARG A 26 -2.21 13.04 -11.91
CA ARG A 26 -1.10 13.85 -11.43
C ARG A 26 -0.57 13.30 -10.10
N TRP A 27 0.75 13.13 -10.00
CA TRP A 27 1.33 12.62 -8.76
C TRP A 27 1.89 13.76 -7.92
N GLN A 28 1.25 14.01 -6.80
CA GLN A 28 1.70 15.04 -5.87
C GLN A 28 2.78 14.46 -4.97
N SER A 29 3.49 15.33 -4.27
CA SER A 29 4.52 14.87 -3.35
C SER A 29 3.87 13.97 -2.30
N MET A 30 2.63 14.31 -1.95
CA MET A 30 1.90 13.54 -0.97
C MET A 30 1.75 12.10 -1.43
N ALA A 31 1.47 11.94 -2.72
CA ALA A 31 1.32 10.59 -3.25
C ALA A 31 2.47 9.71 -2.79
N ILE A 32 3.66 10.26 -2.88
CA ILE A 32 4.88 9.56 -2.49
C ILE A 32 4.87 9.26 -0.99
N MET A 33 4.46 10.21 -0.17
CA MET A 33 4.44 9.96 1.26
C MET A 33 3.53 8.78 1.52
N ALA A 34 2.56 8.66 0.63
CA ALA A 34 1.59 7.58 0.70
C ALA A 34 2.33 6.25 0.57
N LEU A 35 3.33 6.21 -0.31
CA LEU A 35 4.10 4.99 -0.46
C LEU A 35 4.80 4.65 0.84
N GLN A 36 5.31 5.69 1.51
CA GLN A 36 6.01 5.50 2.76
C GLN A 36 5.04 5.01 3.84
N GLU A 37 3.85 5.59 3.83
CA GLU A 37 2.82 5.22 4.77
C GLU A 37 2.39 3.78 4.53
N ALA A 38 2.31 3.41 3.27
CA ALA A 38 1.88 2.07 2.90
C ALA A 38 2.85 0.99 3.35
N SER A 39 4.14 1.19 3.12
CA SER A 39 5.12 0.18 3.49
C SER A 39 5.21 0.03 5.00
N GLU A 40 5.25 1.15 5.71
CA GLU A 40 5.35 1.12 7.16
C GLU A 40 4.04 0.65 7.79
N ALA A 41 2.92 1.01 7.16
CA ALA A 41 1.61 0.63 7.66
C ALA A 41 1.41 -0.86 7.52
N TYR A 42 1.85 -1.41 6.39
CA TYR A 42 1.72 -2.82 6.16
C TYR A 42 2.52 -3.58 7.19
N LEU A 43 3.70 -3.05 7.48
CA LEU A 43 4.59 -3.68 8.45
C LEU A 43 4.01 -3.66 9.84
N VAL A 44 3.48 -2.53 10.25
CA VAL A 44 2.89 -2.42 11.57
C VAL A 44 1.79 -3.44 11.66
N GLY A 45 1.05 -3.54 10.57
CA GLY A 45 -0.05 -4.49 10.50
C GLY A 45 0.48 -5.92 10.59
N LEU A 46 1.62 -6.17 9.93
CA LEU A 46 2.22 -7.50 9.93
C LEU A 46 2.77 -7.83 11.31
N LEU A 47 3.45 -6.84 11.87
CA LEU A 47 4.06 -6.95 13.18
C LEU A 47 2.99 -7.19 14.23
N GLU A 48 1.96 -6.36 14.19
CA GLU A 48 0.86 -6.49 15.11
C GLU A 48 0.10 -7.79 14.85
N HIS A 49 -0.02 -8.15 13.58
CA HIS A 49 -0.75 -9.37 13.22
C HIS A 49 0.00 -10.61 13.71
N THR A 50 1.33 -10.59 13.63
CA THR A 50 2.14 -11.73 14.08
C THR A 50 2.79 -11.44 15.41
N ASN A 51 3.77 -12.25 15.79
CA ASN A 51 4.49 -12.09 17.07
C ASN A 51 3.55 -12.30 18.26
N LEU A 52 2.27 -12.01 18.07
CA LEU A 52 1.29 -12.19 19.14
C LEU A 52 0.96 -13.66 19.30
N LEU A 53 1.40 -14.46 18.33
CA LEU A 53 1.16 -15.89 18.36
C LEU A 53 1.87 -16.47 19.56
N ALA A 54 2.96 -15.81 19.92
CA ALA A 54 3.79 -16.23 21.04
C ALA A 54 3.00 -16.20 22.36
N LEU A 55 1.90 -15.47 22.37
CA LEU A 55 1.09 -15.36 23.59
C LEU A 55 0.54 -16.71 24.01
N HIS A 56 0.09 -17.50 23.03
CA HIS A 56 -0.46 -18.83 23.31
C HIS A 56 0.05 -19.85 22.31
N LEU A 57 0.37 -19.39 21.10
CA LEU A 57 0.87 -20.26 20.05
C LEU A 57 2.39 -20.19 19.99
N VAL A 58 2.99 -21.17 19.34
CA VAL A 58 4.45 -21.24 19.20
C VAL A 58 4.84 -21.37 17.72
N PRO A 59 5.16 -20.28 17.06
CA PRO A 59 5.57 -20.31 15.63
C PRO A 59 6.70 -21.30 15.37
N ARG A 60 6.60 -22.04 14.26
CA ARG A 60 7.61 -23.03 13.89
C ARG A 60 8.35 -22.56 12.64
N GLY A 61 8.95 -21.39 12.72
CA GLY A 61 9.69 -20.83 11.58
C GLY A 61 10.84 -21.74 11.18
N SER A 62 11.54 -22.29 12.17
CA SER A 62 12.67 -23.17 11.88
C SER A 62 12.17 -24.56 11.47
N LYS A 63 12.20 -24.83 10.18
CA LYS A 63 11.77 -26.12 9.66
C LYS A 63 11.95 -26.15 8.14
N ARG A 64 11.04 -25.50 7.44
CA ARG A 64 11.09 -25.46 5.98
C ARG A 64 10.25 -24.30 5.44
N ILE A 65 10.86 -23.46 4.60
CA ILE A 65 10.14 -22.33 4.01
C ILE A 65 10.63 -22.06 2.59
N SER A 66 10.17 -22.88 1.64
CA SER A 66 10.57 -22.70 0.25
C SER A 66 9.96 -21.43 -0.33
N GLY A 67 8.86 -20.99 0.27
CA GLY A 67 8.18 -19.79 -0.20
C GLY A 67 8.98 -18.54 0.14
N LEU A 68 8.84 -17.53 -0.71
CA LEU A 68 9.54 -16.26 -0.51
C LEU A 68 8.62 -15.24 0.16
N ILE A 69 8.97 -14.86 1.39
CA ILE A 69 8.18 -13.88 2.13
C ILE A 69 8.18 -12.54 1.39
N TYR A 70 9.35 -12.15 0.91
CA TYR A 70 9.49 -10.89 0.19
C TYR A 70 8.60 -10.87 -1.04
N GLU A 71 8.61 -11.97 -1.80
CA GLU A 71 7.80 -12.05 -3.00
C GLU A 71 6.32 -11.88 -2.66
N GLU A 72 5.90 -12.55 -1.60
CA GLU A 72 4.50 -12.47 -1.16
C GLU A 72 4.13 -11.04 -0.79
N VAL A 73 5.01 -10.40 -0.05
CA VAL A 73 4.80 -9.03 0.36
C VAL A 73 4.75 -8.15 -0.86
N ARG A 74 5.60 -8.47 -1.80
CA ARG A 74 5.68 -7.71 -3.03
C ARG A 74 4.38 -7.81 -3.81
N ALA A 75 3.87 -9.03 -3.91
CA ALA A 75 2.65 -9.27 -4.64
C ALA A 75 1.43 -8.78 -3.87
N VAL A 76 1.53 -8.73 -2.54
CA VAL A 76 0.40 -8.26 -1.75
C VAL A 76 0.38 -6.75 -1.76
N LEU A 77 1.58 -6.17 -1.84
CA LEU A 77 1.67 -4.72 -1.92
C LEU A 77 1.15 -4.30 -3.29
N LYS A 78 1.46 -5.13 -4.26
CA LYS A 78 1.02 -4.90 -5.61
C LYS A 78 -0.50 -4.83 -5.63
N SER A 79 -1.12 -5.75 -4.93
CA SER A 79 -2.56 -5.77 -4.84
C SER A 79 -3.05 -4.48 -4.20
N PHE A 80 -2.38 -4.08 -3.13
CA PHE A 80 -2.73 -2.85 -2.44
C PHE A 80 -2.57 -1.66 -3.38
N LEU A 81 -1.39 -1.54 -3.99
CA LEU A 81 -1.13 -0.44 -4.90
C LEU A 81 -2.12 -0.43 -6.06
N GLU A 82 -2.33 -1.59 -6.67
CA GLU A 82 -3.25 -1.70 -7.80
C GLU A 82 -4.65 -1.27 -7.39
N SER A 83 -5.11 -1.80 -6.28
CA SER A 83 -6.43 -1.46 -5.78
C SER A 83 -6.52 0.00 -5.39
N VAL A 84 -5.44 0.50 -4.84
CA VAL A 84 -5.39 1.88 -4.39
C VAL A 84 -5.62 2.82 -5.56
N ILE A 85 -4.98 2.52 -6.68
CA ILE A 85 -5.11 3.32 -7.87
C ILE A 85 -6.55 3.30 -8.33
N ARG A 86 -7.13 2.10 -8.33
CA ARG A 86 -8.49 1.93 -8.75
C ARG A 86 -9.39 2.74 -7.84
N ASP A 87 -9.11 2.69 -6.54
CA ASP A 87 -9.90 3.42 -5.57
C ASP A 87 -9.60 4.91 -5.56
N SER A 88 -8.39 5.23 -5.96
CA SER A 88 -7.93 6.60 -5.95
C SER A 88 -8.50 7.36 -7.12
N VAL A 89 -8.40 6.76 -8.29
CA VAL A 89 -8.91 7.38 -9.47
C VAL A 89 -10.42 7.41 -9.39
N THR A 90 -10.96 6.44 -8.64
CA THR A 90 -12.39 6.38 -8.43
C THR A 90 -12.86 7.62 -7.67
N TYR A 91 -12.14 7.95 -6.61
CA TYR A 91 -12.47 9.12 -5.80
C TYR A 91 -12.14 10.38 -6.58
N THR A 92 -11.05 10.35 -7.36
CA THR A 92 -10.72 11.54 -8.12
C THR A 92 -11.77 11.71 -9.20
N GLU A 93 -12.08 10.60 -9.86
CA GLU A 93 -13.11 10.62 -10.89
C GLU A 93 -14.42 11.05 -10.26
N HIS A 94 -14.65 10.62 -9.02
CA HIS A 94 -15.86 11.01 -8.33
C HIS A 94 -15.87 12.51 -8.24
N ALA A 95 -14.68 13.04 -8.03
CA ALA A 95 -14.45 14.48 -7.94
C ALA A 95 -13.86 14.96 -9.26
N LYS A 96 -14.13 14.21 -10.33
CA LYS A 96 -13.64 14.48 -11.67
C LYS A 96 -12.26 15.12 -11.65
N ARG A 97 -11.42 14.59 -10.80
CA ARG A 97 -10.04 15.05 -10.66
C ARG A 97 -9.09 14.06 -11.32
N LYS A 98 -7.90 14.53 -11.61
CA LYS A 98 -6.85 13.72 -12.20
C LYS A 98 -5.59 13.94 -11.38
N THR A 99 -5.55 13.29 -10.22
CA THR A 99 -4.44 13.44 -9.30
C THR A 99 -4.42 12.33 -8.26
N VAL A 100 -3.23 11.99 -7.78
CA VAL A 100 -3.07 10.96 -6.75
C VAL A 100 -2.63 11.64 -5.47
N THR A 101 -3.39 11.48 -4.39
CA THR A 101 -3.04 12.11 -3.11
C THR A 101 -2.97 11.07 -2.00
N SER A 102 -2.13 11.35 -1.02
CA SER A 102 -1.98 10.45 0.12
C SER A 102 -3.28 10.39 0.87
N LEU A 103 -4.08 11.41 0.67
CA LEU A 103 -5.36 11.51 1.31
C LEU A 103 -6.31 10.46 0.74
N ASP A 104 -6.31 10.35 -0.58
CA ASP A 104 -7.16 9.37 -1.22
C ASP A 104 -6.69 7.99 -0.81
N VAL A 105 -5.38 7.87 -0.63
CA VAL A 105 -4.80 6.61 -0.20
C VAL A 105 -5.33 6.29 1.18
N VAL A 106 -5.36 7.30 2.02
CA VAL A 106 -5.87 7.17 3.36
C VAL A 106 -7.35 6.80 3.33
N TYR A 107 -8.12 7.44 2.46
CA TYR A 107 -9.53 7.13 2.36
C TYR A 107 -9.68 5.70 1.90
N ALA A 108 -8.83 5.32 0.96
CA ALA A 108 -8.87 3.97 0.43
C ALA A 108 -8.54 2.98 1.54
N LEU A 109 -7.55 3.33 2.36
CA LEU A 109 -7.14 2.48 3.47
C LEU A 109 -8.24 2.41 4.53
N LYS A 110 -8.94 3.51 4.71
CA LYS A 110 -10.00 3.59 5.69
C LYS A 110 -11.09 2.56 5.38
N ARG A 111 -11.49 2.50 4.12
CA ARG A 111 -12.53 1.56 3.71
C ARG A 111 -11.97 0.16 3.64
N GLN A 112 -10.65 0.08 3.61
CA GLN A 112 -9.97 -1.21 3.55
C GLN A 112 -9.92 -1.83 4.93
N GLY A 113 -10.39 -1.07 5.93
CA GLY A 113 -10.43 -1.57 7.31
C GLY A 113 -9.46 -0.84 8.24
N ARG A 114 -9.24 0.45 7.98
CA ARG A 114 -8.34 1.25 8.84
C ARG A 114 -9.12 2.41 9.46
N THR A 115 -8.67 2.84 10.63
CA THR A 115 -9.32 3.94 11.35
C THR A 115 -8.30 4.78 12.09
N LEU A 116 -7.78 5.82 11.42
CA LEU A 116 -6.79 6.70 12.04
C LEU A 116 -7.49 7.90 12.67
N TYR A 117 -7.56 7.91 14.00
CA TYR A 117 -8.19 9.00 14.73
C TYR A 117 -7.14 10.03 15.12
N GLY A 118 -6.31 10.38 14.15
CA GLY A 118 -5.24 11.33 14.39
C GLY A 118 -4.03 10.62 14.97
N PHE A 119 -4.18 9.32 15.14
CA PHE A 119 -3.11 8.50 15.68
C PHE A 119 -1.91 8.51 14.73
N GLY A 120 -2.20 8.46 13.44
CA GLY A 120 -1.15 8.46 12.43
C GLY A 120 -0.38 7.17 12.42
N GLY A 121 -1.06 6.12 12.87
CA GLY A 121 -0.44 4.80 12.91
C GLY A 121 -0.94 3.99 14.09
N LEU A 1 20.04 13.73 -8.34
CA LEU A 1 19.49 14.35 -7.10
C LEU A 1 17.97 14.34 -7.15
N ILE A 2 17.42 14.40 -8.36
CA ILE A 2 15.97 14.39 -8.53
C ILE A 2 15.37 13.08 -8.01
N SER A 3 16.17 12.01 -8.09
CA SER A 3 15.71 10.72 -7.62
C SER A 3 15.36 10.79 -6.15
N LYS A 4 16.18 11.51 -5.39
CA LYS A 4 15.97 11.66 -3.96
C LYS A 4 16.15 10.32 -3.26
N ILE A 5 15.17 9.42 -3.43
CA ILE A 5 15.22 8.08 -2.82
C ILE A 5 15.09 7.01 -3.92
N PRO A 6 16.03 6.09 -4.06
CA PRO A 6 15.94 5.05 -5.12
C PRO A 6 14.83 4.03 -4.84
N PHE A 7 14.52 3.83 -3.56
CA PHE A 7 13.48 2.89 -3.19
C PHE A 7 12.13 3.47 -3.61
N ALA A 8 11.96 4.77 -3.41
CA ALA A 8 10.73 5.45 -3.79
C ALA A 8 10.54 5.32 -5.28
N ARG A 9 11.64 5.42 -6.01
CA ARG A 9 11.59 5.30 -7.46
C ARG A 9 11.09 3.92 -7.86
N LEU A 10 11.54 2.89 -7.16
CA LEU A 10 11.14 1.53 -7.49
C LEU A 10 9.67 1.31 -7.17
N VAL A 11 9.26 1.79 -6.02
CA VAL A 11 7.88 1.63 -5.59
C VAL A 11 7.00 2.44 -6.53
N LYS A 12 7.43 3.66 -6.80
CA LYS A 12 6.72 4.54 -7.69
C LYS A 12 6.68 3.94 -9.08
N GLU A 13 7.79 3.33 -9.49
CA GLU A 13 7.85 2.74 -10.82
C GLU A 13 6.86 1.59 -10.98
N VAL A 14 6.79 0.69 -9.99
CA VAL A 14 5.86 -0.42 -10.06
C VAL A 14 4.43 0.11 -10.06
N THR A 15 4.19 1.03 -9.15
CA THR A 15 2.89 1.62 -9.01
C THR A 15 2.52 2.38 -10.28
N ASP A 16 3.50 3.07 -10.87
CA ASP A 16 3.24 3.85 -12.08
C ASP A 16 2.78 2.94 -13.21
N GLU A 17 3.37 1.75 -13.30
CA GLU A 17 2.99 0.80 -14.33
C GLU A 17 1.53 0.46 -14.17
N PHE A 18 1.12 0.30 -12.92
CA PHE A 18 -0.27 0.01 -12.63
C PHE A 18 -1.09 1.27 -12.89
N THR A 19 -0.53 2.40 -12.47
CA THR A 19 -1.18 3.70 -12.63
C THR A 19 -0.89 4.22 -14.02
N THR A 20 -0.38 3.36 -14.89
CA THR A 20 -0.09 3.75 -16.26
C THR A 20 -1.26 4.55 -16.82
N LYS A 21 -2.39 4.47 -16.11
CA LYS A 21 -3.59 5.21 -16.46
C LYS A 21 -3.34 6.69 -16.23
N ASP A 22 -2.07 7.10 -16.27
CA ASP A 22 -1.73 8.50 -16.07
C ASP A 22 -2.17 9.30 -17.29
N GLN A 23 -3.38 8.98 -17.73
CA GLN A 23 -3.96 9.63 -18.89
C GLN A 23 -4.02 11.14 -18.69
N ASP A 24 -4.00 11.57 -17.45
CA ASP A 24 -4.04 12.98 -17.12
C ASP A 24 -3.77 13.18 -15.64
N LEU A 25 -3.61 12.08 -14.92
CA LEU A 25 -3.36 12.15 -13.49
C LEU A 25 -2.08 12.90 -13.19
N ARG A 26 -1.94 13.24 -11.92
CA ARG A 26 -0.79 13.98 -11.43
C ARG A 26 -0.33 13.45 -10.08
N TRP A 27 0.97 13.26 -9.94
CA TRP A 27 1.54 12.75 -8.68
C TRP A 27 2.15 13.88 -7.87
N GLN A 28 1.54 14.17 -6.72
CA GLN A 28 2.07 15.21 -5.84
C GLN A 28 3.04 14.57 -4.85
N SER A 29 3.73 15.38 -4.07
CA SER A 29 4.68 14.85 -3.09
C SER A 29 3.95 13.97 -2.08
N MET A 30 2.67 14.25 -1.87
CA MET A 30 1.88 13.47 -0.91
C MET A 30 1.74 12.04 -1.41
N ALA A 31 1.55 11.89 -2.71
CA ALA A 31 1.42 10.57 -3.30
C ALA A 31 2.57 9.69 -2.82
N ILE A 32 3.74 10.28 -2.77
CA ILE A 32 4.95 9.60 -2.33
C ILE A 32 4.89 9.35 -0.83
N MET A 33 4.37 10.31 -0.09
CA MET A 33 4.24 10.16 1.35
C MET A 33 3.35 8.97 1.61
N ALA A 34 2.35 8.82 0.75
CA ALA A 34 1.44 7.71 0.84
C ALA A 34 2.19 6.40 0.69
N LEU A 35 3.19 6.40 -0.18
CA LEU A 35 3.98 5.19 -0.37
C LEU A 35 4.74 4.87 0.91
N GLN A 36 5.24 5.92 1.56
CA GLN A 36 5.98 5.73 2.79
C GLN A 36 5.05 5.18 3.85
N GLU A 37 3.84 5.71 3.88
CA GLU A 37 2.84 5.26 4.82
C GLU A 37 2.44 3.82 4.50
N ALA A 38 2.38 3.53 3.21
CA ALA A 38 2.00 2.20 2.75
C ALA A 38 2.97 1.13 3.22
N SER A 39 4.26 1.41 3.07
CA SER A 39 5.27 0.45 3.48
C SER A 39 5.32 0.27 5.00
N GLU A 40 5.30 1.39 5.71
CA GLU A 40 5.37 1.34 7.17
C GLU A 40 4.06 0.82 7.75
N ALA A 41 2.95 1.14 7.10
CA ALA A 41 1.65 0.70 7.57
C ALA A 41 1.51 -0.79 7.45
N TYR A 42 2.02 -1.30 6.33
CA TYR A 42 1.97 -2.73 6.07
C TYR A 42 2.79 -3.45 7.12
N LEU A 43 3.93 -2.86 7.43
CA LEU A 43 4.85 -3.43 8.42
C LEU A 43 4.28 -3.37 9.83
N VAL A 44 3.78 -2.21 10.21
CA VAL A 44 3.22 -2.07 11.54
C VAL A 44 2.09 -3.05 11.67
N GLY A 45 1.31 -3.14 10.62
CA GLY A 45 0.19 -4.07 10.59
C GLY A 45 0.69 -5.51 10.70
N LEU A 46 1.80 -5.81 10.02
CA LEU A 46 2.37 -7.16 10.04
C LEU A 46 2.97 -7.47 11.39
N LEU A 47 3.67 -6.48 11.92
CA LEU A 47 4.33 -6.58 13.22
C LEU A 47 3.28 -6.72 14.32
N GLU A 48 2.31 -5.84 14.28
CA GLU A 48 1.24 -5.86 15.25
C GLU A 48 0.38 -7.11 15.10
N HIS A 49 0.16 -7.56 13.86
CA HIS A 49 -0.68 -8.74 13.61
C HIS A 49 0.14 -9.94 13.15
N THR A 50 1.46 -9.89 13.37
CA THR A 50 2.31 -11.00 12.94
C THR A 50 1.76 -12.32 13.48
N ASN A 51 1.03 -13.03 12.65
CA ASN A 51 0.47 -14.30 13.03
C ASN A 51 -0.26 -14.19 14.35
N LEU A 52 -1.21 -13.30 14.39
CA LEU A 52 -2.01 -13.11 15.58
C LEU A 52 -2.90 -14.33 15.76
N LEU A 53 -2.80 -15.27 14.83
CA LEU A 53 -3.60 -16.50 14.90
C LEU A 53 -3.12 -17.28 16.11
N ALA A 54 -1.92 -16.93 16.53
CA ALA A 54 -1.28 -17.55 17.66
C ALA A 54 -2.06 -17.32 18.95
N LEU A 55 -3.02 -16.39 18.92
CA LEU A 55 -3.80 -16.09 20.11
C LEU A 55 -4.58 -17.32 20.57
N HIS A 56 -5.19 -18.02 19.62
CA HIS A 56 -5.95 -19.22 19.95
C HIS A 56 -6.42 -19.98 18.71
N LEU A 57 -5.85 -19.64 17.54
CA LEU A 57 -6.22 -20.31 16.29
C LEU A 57 -5.14 -21.32 15.91
N VAL A 58 -5.44 -22.14 14.90
CA VAL A 58 -4.50 -23.15 14.42
C VAL A 58 -4.15 -22.90 12.94
N PRO A 59 -3.05 -22.23 12.68
CA PRO A 59 -2.61 -21.92 11.28
C PRO A 59 -2.59 -23.17 10.39
N ARG A 60 -3.08 -23.01 9.16
CA ARG A 60 -3.11 -24.11 8.18
C ARG A 60 -2.42 -23.69 6.88
N GLY A 61 -2.89 -22.60 6.29
CA GLY A 61 -2.31 -22.09 5.05
C GLY A 61 -0.86 -21.71 5.26
N SER A 62 -0.57 -21.11 6.40
CA SER A 62 0.79 -20.68 6.72
C SER A 62 1.74 -21.88 6.75
N LYS A 63 1.25 -23.00 7.28
CA LYS A 63 2.08 -24.20 7.37
C LYS A 63 2.53 -24.62 5.97
N ARG A 64 1.63 -24.60 5.01
CA ARG A 64 1.98 -24.98 3.65
C ARG A 64 2.98 -23.98 3.08
N ILE A 65 3.83 -24.47 2.19
CA ILE A 65 4.85 -23.61 1.59
C ILE A 65 4.25 -22.87 0.39
N SER A 66 3.63 -21.74 0.69
CA SER A 66 3.01 -20.94 -0.36
C SER A 66 4.07 -20.42 -1.33
N GLY A 67 5.24 -20.06 -0.81
CA GLY A 67 6.32 -19.55 -1.64
C GLY A 67 7.16 -18.53 -0.87
N LEU A 68 7.85 -17.68 -1.61
CA LEU A 68 8.70 -16.66 -1.02
C LEU A 68 7.86 -15.67 -0.21
N ILE A 69 8.31 -15.38 1.02
CA ILE A 69 7.61 -14.43 1.87
C ILE A 69 7.64 -13.05 1.23
N TYR A 70 8.82 -12.68 0.72
CA TYR A 70 8.98 -11.39 0.09
C TYR A 70 8.07 -11.29 -1.13
N GLU A 71 7.96 -12.38 -1.88
CA GLU A 71 7.11 -12.37 -3.05
C GLU A 71 5.67 -12.08 -2.64
N GLU A 72 5.24 -12.72 -1.56
CA GLU A 72 3.88 -12.53 -1.05
C GLU A 72 3.66 -11.10 -0.60
N VAL A 73 4.62 -10.57 0.13
CA VAL A 73 4.49 -9.21 0.61
C VAL A 73 4.41 -8.27 -0.58
N ARG A 74 5.25 -8.54 -1.55
CA ARG A 74 5.28 -7.72 -2.77
C ARG A 74 3.99 -7.84 -3.57
N ALA A 75 3.57 -9.06 -3.80
CA ALA A 75 2.36 -9.31 -4.56
C ALA A 75 1.16 -8.75 -3.80
N VAL A 76 1.24 -8.82 -2.50
CA VAL A 76 0.19 -8.33 -1.65
C VAL A 76 0.17 -6.82 -1.71
N LEU A 77 1.36 -6.22 -1.75
CA LEU A 77 1.44 -4.77 -1.87
C LEU A 77 0.94 -4.35 -3.23
N LYS A 78 1.28 -5.16 -4.22
CA LYS A 78 0.85 -4.91 -5.57
C LYS A 78 -0.67 -4.85 -5.61
N SER A 79 -1.30 -5.78 -4.91
CA SER A 79 -2.74 -5.79 -4.83
C SER A 79 -3.24 -4.50 -4.20
N PHE A 80 -2.58 -4.09 -3.12
CA PHE A 80 -2.92 -2.86 -2.44
C PHE A 80 -2.75 -1.68 -3.39
N LEU A 81 -1.57 -1.58 -3.99
CA LEU A 81 -1.30 -0.47 -4.90
C LEU A 81 -2.29 -0.49 -6.07
N GLU A 82 -2.50 -1.65 -6.66
CA GLU A 82 -3.41 -1.79 -7.79
C GLU A 82 -4.81 -1.35 -7.39
N SER A 83 -5.27 -1.86 -6.26
CA SER A 83 -6.58 -1.53 -5.75
C SER A 83 -6.67 -0.05 -5.41
N VAL A 84 -5.59 0.47 -4.88
CA VAL A 84 -5.54 1.86 -4.48
C VAL A 84 -5.81 2.76 -5.67
N ILE A 85 -5.19 2.42 -6.79
CA ILE A 85 -5.35 3.19 -8.00
C ILE A 85 -6.79 3.13 -8.44
N ARG A 86 -7.35 1.94 -8.38
CA ARG A 86 -8.73 1.76 -8.77
C ARG A 86 -9.62 2.60 -7.86
N ASP A 87 -9.25 2.66 -6.60
CA ASP A 87 -10.01 3.43 -5.62
C ASP A 87 -9.72 4.91 -5.72
N SER A 88 -8.54 5.23 -6.20
CA SER A 88 -8.09 6.62 -6.32
C SER A 88 -8.63 7.24 -7.58
N VAL A 89 -8.62 6.47 -8.63
CA VAL A 89 -9.14 6.92 -9.89
C VAL A 89 -10.63 7.10 -9.69
N THR A 90 -11.20 6.20 -8.92
CA THR A 90 -12.62 6.23 -8.62
C THR A 90 -13.01 7.49 -7.85
N TYR A 91 -12.30 7.80 -6.79
CA TYR A 91 -12.60 8.99 -5.99
C TYR A 91 -12.19 10.23 -6.75
N THR A 92 -11.09 10.14 -7.48
CA THR A 92 -10.65 11.29 -8.24
C THR A 92 -11.65 11.54 -9.35
N GLU A 93 -12.02 10.48 -10.05
CA GLU A 93 -13.03 10.62 -11.08
C GLU A 93 -14.33 11.07 -10.45
N HIS A 94 -14.59 10.61 -9.23
CA HIS A 94 -15.81 10.99 -8.54
C HIS A 94 -15.82 12.50 -8.41
N ALA A 95 -14.63 13.03 -8.17
CA ALA A 95 -14.43 14.46 -8.05
C ALA A 95 -13.82 14.98 -9.35
N LYS A 96 -14.04 14.23 -10.42
CA LYS A 96 -13.53 14.56 -11.75
C LYS A 96 -12.12 15.13 -11.66
N ARG A 97 -11.37 14.64 -10.69
CA ARG A 97 -9.99 15.07 -10.50
C ARG A 97 -9.04 14.11 -11.21
N LYS A 98 -7.83 14.61 -11.43
CA LYS A 98 -6.78 13.82 -12.06
C LYS A 98 -5.50 14.10 -11.28
N THR A 99 -5.40 13.45 -10.13
CA THR A 99 -4.27 13.64 -9.22
C THR A 99 -4.27 12.54 -8.15
N VAL A 100 -3.08 12.08 -7.74
CA VAL A 100 -2.98 11.04 -6.70
C VAL A 100 -2.52 11.66 -5.39
N THR A 101 -3.42 11.74 -4.41
CA THR A 101 -3.08 12.33 -3.12
C THR A 101 -3.02 11.27 -2.03
N SER A 102 -2.18 11.51 -1.04
CA SER A 102 -2.05 10.59 0.07
C SER A 102 -3.38 10.49 0.79
N LEU A 103 -4.19 11.50 0.56
CA LEU A 103 -5.49 11.56 1.18
C LEU A 103 -6.40 10.48 0.61
N ASP A 104 -6.44 10.40 -0.71
CA ASP A 104 -7.27 9.39 -1.36
C ASP A 104 -6.75 8.02 -0.94
N VAL A 105 -5.44 7.94 -0.77
CA VAL A 105 -4.81 6.69 -0.34
C VAL A 105 -5.33 6.34 1.04
N VAL A 106 -5.41 7.35 1.89
CA VAL A 106 -5.92 7.16 3.24
C VAL A 106 -7.36 6.64 3.20
N TYR A 107 -8.16 7.20 2.31
CA TYR A 107 -9.53 6.77 2.16
C TYR A 107 -9.52 5.30 1.75
N ALA A 108 -8.65 5.00 0.81
CA ALA A 108 -8.51 3.65 0.30
C ALA A 108 -8.08 2.72 1.42
N LEU A 109 -7.17 3.19 2.27
CA LEU A 109 -6.70 2.37 3.37
C LEU A 109 -7.81 2.18 4.40
N LYS A 110 -8.63 3.21 4.57
CA LYS A 110 -9.71 3.16 5.53
C LYS A 110 -10.70 2.05 5.19
N ARG A 111 -11.07 1.95 3.92
CA ARG A 111 -12.00 0.92 3.49
C ARG A 111 -11.32 -0.42 3.47
N GLN A 112 -10.00 -0.37 3.47
CA GLN A 112 -9.20 -1.57 3.46
C GLN A 112 -9.27 -2.22 4.83
N GLY A 113 -9.80 -1.48 5.80
CA GLY A 113 -9.94 -1.96 7.17
C GLY A 113 -9.02 -1.21 8.12
N ARG A 114 -8.78 0.07 7.84
CA ARG A 114 -7.91 0.90 8.67
C ARG A 114 -8.68 2.06 9.29
N THR A 115 -8.21 2.52 10.44
CA THR A 115 -8.83 3.63 11.13
C THR A 115 -10.32 3.38 11.36
N LEU A 116 -10.68 2.11 11.49
CA LEU A 116 -12.07 1.75 11.72
C LEU A 116 -12.46 2.08 13.17
N TYR A 117 -13.63 2.69 13.32
CA TYR A 117 -14.14 3.06 14.65
C TYR A 117 -15.20 2.06 15.11
N GLY A 118 -15.33 0.96 14.37
CA GLY A 118 -16.29 -0.08 14.72
C GLY A 118 -17.54 0.01 13.83
N PHE A 119 -17.48 0.89 12.85
CA PHE A 119 -18.60 1.05 11.92
C PHE A 119 -18.84 -0.24 11.15
N GLY A 120 -17.75 -0.90 10.76
CA GLY A 120 -17.85 -2.15 10.02
C GLY A 120 -18.01 -3.33 10.96
N GLY A 121 -19.24 -3.81 11.06
CA GLY A 121 -19.53 -4.93 11.93
C GLY A 121 -21.03 -5.04 12.18
N LEU A 1 18.23 12.65 -9.34
CA LEU A 1 18.43 13.74 -8.34
C LEU A 1 19.50 13.32 -7.33
N ILE A 2 20.07 14.29 -6.63
CA ILE A 2 21.11 14.00 -5.65
C ILE A 2 20.55 13.12 -4.53
N SER A 3 19.24 13.23 -4.29
CA SER A 3 18.60 12.45 -3.24
C SER A 3 18.72 10.96 -3.56
N LYS A 4 18.55 10.62 -4.83
CA LYS A 4 18.63 9.22 -5.26
C LYS A 4 17.32 8.49 -4.97
N ILE A 5 16.97 8.40 -3.68
CA ILE A 5 15.73 7.75 -3.24
C ILE A 5 15.30 6.64 -4.22
N PRO A 6 16.14 5.66 -4.45
CA PRO A 6 15.83 4.56 -5.40
C PRO A 6 14.63 3.73 -4.97
N PHE A 7 14.45 3.58 -3.67
CA PHE A 7 13.33 2.80 -3.15
C PHE A 7 12.00 3.41 -3.60
N ALA A 8 11.86 4.71 -3.40
CA ALA A 8 10.65 5.40 -3.80
C ALA A 8 10.45 5.24 -5.29
N ARG A 9 11.55 5.30 -6.03
CA ARG A 9 11.50 5.15 -7.47
C ARG A 9 11.02 3.76 -7.84
N LEU A 10 11.47 2.75 -7.11
CA LEU A 10 11.07 1.38 -7.43
C LEU A 10 9.61 1.14 -7.14
N VAL A 11 9.16 1.63 -6.00
CA VAL A 11 7.77 1.46 -5.63
C VAL A 11 6.91 2.28 -6.55
N LYS A 12 7.35 3.51 -6.81
CA LYS A 12 6.65 4.38 -7.71
C LYS A 12 6.64 3.78 -9.10
N GLU A 13 7.74 3.17 -9.50
CA GLU A 13 7.80 2.58 -10.83
C GLU A 13 6.79 1.44 -10.99
N VAL A 14 6.72 0.56 -9.99
CA VAL A 14 5.76 -0.55 -10.05
C VAL A 14 4.35 0.01 -10.04
N THR A 15 4.14 0.94 -9.12
CA THR A 15 2.85 1.55 -8.96
C THR A 15 2.47 2.30 -10.23
N ASP A 16 3.44 2.97 -10.84
CA ASP A 16 3.19 3.74 -12.06
C ASP A 16 2.70 2.84 -13.18
N GLU A 17 3.26 1.64 -13.28
CA GLU A 17 2.86 0.69 -14.30
C GLU A 17 1.39 0.37 -14.11
N PHE A 18 0.99 0.23 -12.86
CA PHE A 18 -0.40 -0.03 -12.56
C PHE A 18 -1.19 1.24 -12.80
N THR A 19 -0.62 2.36 -12.37
CA THR A 19 -1.24 3.67 -12.52
C THR A 19 -0.97 4.19 -13.92
N THR A 20 -0.49 3.31 -14.79
CA THR A 20 -0.21 3.69 -16.17
C THR A 20 -1.38 4.51 -16.71
N LYS A 21 -2.50 4.45 -15.98
CA LYS A 21 -3.69 5.20 -16.30
C LYS A 21 -3.42 6.69 -16.13
N ASP A 22 -2.14 7.08 -16.22
CA ASP A 22 -1.77 8.48 -16.07
C ASP A 22 -2.23 9.24 -17.30
N GLN A 23 -3.46 8.93 -17.71
CA GLN A 23 -4.08 9.55 -18.87
C GLN A 23 -4.11 11.05 -18.72
N ASP A 24 -4.04 11.52 -17.49
CA ASP A 24 -4.05 12.95 -17.21
C ASP A 24 -3.80 13.19 -15.73
N LEU A 25 -3.64 12.09 -14.98
CA LEU A 25 -3.40 12.20 -13.55
C LEU A 25 -2.08 12.89 -13.26
N ARG A 26 -1.92 13.24 -11.99
CA ARG A 26 -0.74 13.93 -11.52
C ARG A 26 -0.33 13.41 -10.14
N TRP A 27 0.97 13.21 -9.96
CA TRP A 27 1.49 12.71 -8.67
C TRP A 27 2.03 13.83 -7.79
N GLN A 28 1.36 14.07 -6.69
CA GLN A 28 1.80 15.08 -5.73
C GLN A 28 2.82 14.45 -4.80
N SER A 29 3.61 15.26 -4.13
CA SER A 29 4.58 14.72 -3.19
C SER A 29 3.83 13.95 -2.11
N MET A 30 2.55 14.29 -1.96
CA MET A 30 1.70 13.63 -0.98
C MET A 30 1.47 12.19 -1.42
N ALA A 31 1.49 11.99 -2.71
CA ALA A 31 1.30 10.66 -3.25
C ALA A 31 2.41 9.74 -2.76
N ILE A 32 3.64 10.23 -2.83
CA ILE A 32 4.81 9.46 -2.42
C ILE A 32 4.80 9.12 -0.94
N MET A 33 4.57 10.11 -0.09
CA MET A 33 4.54 9.83 1.34
C MET A 33 3.52 8.73 1.58
N ALA A 34 2.53 8.70 0.71
CA ALA A 34 1.50 7.68 0.80
C ALA A 34 2.14 6.31 0.62
N LEU A 35 3.08 6.21 -0.33
CA LEU A 35 3.77 4.95 -0.54
C LEU A 35 4.60 4.61 0.69
N GLN A 36 5.21 5.63 1.26
CA GLN A 36 6.05 5.48 2.41
C GLN A 36 5.21 5.01 3.60
N GLU A 37 4.04 5.62 3.72
CA GLU A 37 3.12 5.26 4.78
C GLU A 37 2.59 3.86 4.53
N ALA A 38 2.34 3.56 3.27
CA ALA A 38 1.80 2.25 2.92
C ALA A 38 2.77 1.13 3.27
N SER A 39 4.04 1.31 2.97
CA SER A 39 5.01 0.27 3.26
C SER A 39 5.20 0.09 4.76
N GLU A 40 5.36 1.19 5.47
CA GLU A 40 5.57 1.13 6.91
C GLU A 40 4.28 0.72 7.63
N ALA A 41 3.15 1.12 7.05
CA ALA A 41 1.87 0.82 7.66
C ALA A 41 1.52 -0.65 7.54
N TYR A 42 1.77 -1.21 6.37
CA TYR A 42 1.47 -2.61 6.16
C TYR A 42 2.36 -3.46 7.03
N LEU A 43 3.61 -3.04 7.14
CA LEU A 43 4.59 -3.78 7.94
C LEU A 43 4.24 -3.82 9.40
N VAL A 44 3.91 -2.68 9.97
CA VAL A 44 3.57 -2.64 11.39
C VAL A 44 2.37 -3.53 11.59
N GLY A 45 1.45 -3.43 10.67
CA GLY A 45 0.25 -4.25 10.71
C GLY A 45 0.59 -5.73 10.59
N LEU A 46 1.54 -6.03 9.70
CA LEU A 46 1.95 -7.42 9.47
C LEU A 46 2.70 -7.95 10.69
N LEU A 47 3.62 -7.13 11.17
CA LEU A 47 4.44 -7.46 12.32
C LEU A 47 3.55 -7.68 13.52
N GLU A 48 2.65 -6.75 13.75
CA GLU A 48 1.72 -6.86 14.85
C GLU A 48 0.81 -8.06 14.62
N HIS A 49 0.44 -8.29 13.36
CA HIS A 49 -0.42 -9.43 13.03
C HIS A 49 0.30 -10.74 13.30
N THR A 50 1.59 -10.78 12.93
CA THR A 50 2.39 -11.98 13.12
C THR A 50 2.56 -12.28 14.60
N ASN A 51 1.47 -12.67 15.26
CA ASN A 51 1.50 -12.98 16.68
C ASN A 51 0.15 -13.49 17.17
N LEU A 52 -0.89 -12.66 16.99
CA LEU A 52 -2.23 -13.02 17.43
C LEU A 52 -2.76 -14.22 16.65
N LEU A 53 -2.46 -14.28 15.36
CA LEU A 53 -2.93 -15.37 14.53
C LEU A 53 -2.71 -16.71 15.22
N ALA A 54 -1.88 -16.72 16.25
CA ALA A 54 -1.59 -17.95 16.96
C ALA A 54 -2.84 -18.52 17.63
N LEU A 55 -3.63 -17.64 18.24
CA LEU A 55 -4.85 -18.07 18.93
C LEU A 55 -6.07 -17.81 18.05
N HIS A 56 -6.12 -16.63 17.44
CA HIS A 56 -7.23 -16.28 16.57
C HIS A 56 -7.30 -17.23 15.39
N LEU A 57 -6.14 -17.52 14.81
CA LEU A 57 -6.05 -18.41 13.65
C LEU A 57 -5.26 -19.65 13.98
N VAL A 58 -5.47 -20.68 13.18
CA VAL A 58 -4.78 -21.95 13.36
C VAL A 58 -4.23 -22.42 12.00
N PRO A 59 -3.00 -22.08 11.67
CA PRO A 59 -2.37 -22.50 10.39
C PRO A 59 -2.41 -24.02 10.21
N ARG A 60 -2.81 -24.47 9.03
CA ARG A 60 -2.87 -25.91 8.77
C ARG A 60 -1.47 -26.51 8.81
N GLY A 61 -0.51 -25.79 8.23
CA GLY A 61 0.87 -26.24 8.19
C GLY A 61 1.12 -27.14 6.98
N SER A 62 0.04 -27.55 6.32
CA SER A 62 0.14 -28.43 5.16
C SER A 62 0.89 -27.74 4.01
N LYS A 63 0.52 -26.49 3.73
CA LYS A 63 1.13 -25.72 2.64
C LYS A 63 1.86 -24.49 3.17
N ARG A 64 2.12 -24.46 4.48
CA ARG A 64 2.80 -23.33 5.06
C ARG A 64 4.28 -23.36 4.71
N ILE A 65 4.78 -22.29 4.10
CA ILE A 65 6.18 -22.21 3.69
C ILE A 65 6.76 -20.86 4.03
N SER A 66 6.16 -19.80 3.50
CA SER A 66 6.65 -18.46 3.76
C SER A 66 8.13 -18.38 3.42
N GLY A 67 8.55 -19.19 2.45
CA GLY A 67 9.95 -19.21 2.04
C GLY A 67 10.37 -17.85 1.51
N LEU A 68 9.50 -17.23 0.73
CA LEU A 68 9.77 -15.91 0.15
C LEU A 68 8.88 -14.85 0.79
N ILE A 69 9.34 -14.31 1.89
CA ILE A 69 8.61 -13.27 2.58
C ILE A 69 8.48 -12.04 1.68
N TYR A 70 9.58 -11.71 1.00
CA TYR A 70 9.58 -10.55 0.12
C TYR A 70 8.58 -10.71 -1.02
N GLU A 71 8.49 -11.90 -1.59
CA GLU A 71 7.55 -12.10 -2.69
C GLU A 71 6.13 -11.82 -2.23
N GLU A 72 5.79 -12.33 -1.05
CA GLU A 72 4.47 -12.14 -0.49
C GLU A 72 4.16 -10.68 -0.23
N VAL A 73 5.09 -10.00 0.41
CA VAL A 73 4.88 -8.60 0.71
C VAL A 73 4.74 -7.80 -0.57
N ARG A 74 5.56 -8.13 -1.53
CA ARG A 74 5.54 -7.44 -2.82
C ARG A 74 4.23 -7.63 -3.57
N ALA A 75 3.81 -8.88 -3.69
CA ALA A 75 2.57 -9.17 -4.40
C ALA A 75 1.37 -8.69 -3.61
N VAL A 76 1.52 -8.67 -2.31
CA VAL A 76 0.47 -8.22 -1.44
C VAL A 76 0.35 -6.71 -1.54
N LEU A 77 1.50 -6.06 -1.63
CA LEU A 77 1.51 -4.61 -1.78
C LEU A 77 0.97 -4.26 -3.14
N LYS A 78 1.30 -5.07 -4.11
CA LYS A 78 0.84 -4.87 -5.45
C LYS A 78 -0.68 -4.83 -5.45
N SER A 79 -1.29 -5.75 -4.72
CA SER A 79 -2.73 -5.77 -4.61
C SER A 79 -3.22 -4.47 -4.00
N PHE A 80 -2.55 -4.03 -2.94
CA PHE A 80 -2.91 -2.78 -2.28
C PHE A 80 -2.75 -1.61 -3.26
N LEU A 81 -1.59 -1.51 -3.88
CA LEU A 81 -1.35 -0.42 -4.81
C LEU A 81 -2.37 -0.45 -5.95
N GLU A 82 -2.58 -1.64 -6.52
CA GLU A 82 -3.52 -1.77 -7.63
C GLU A 82 -4.92 -1.33 -7.21
N SER A 83 -5.36 -1.82 -6.08
CA SER A 83 -6.67 -1.45 -5.56
C SER A 83 -6.72 0.02 -5.24
N VAL A 84 -5.63 0.54 -4.71
CA VAL A 84 -5.57 1.93 -4.33
C VAL A 84 -5.82 2.82 -5.53
N ILE A 85 -5.22 2.46 -6.64
CA ILE A 85 -5.38 3.22 -7.87
C ILE A 85 -6.83 3.16 -8.30
N ARG A 86 -7.41 1.97 -8.21
CA ARG A 86 -8.78 1.81 -8.60
C ARG A 86 -9.66 2.67 -7.72
N ASP A 87 -9.33 2.72 -6.44
CA ASP A 87 -10.09 3.52 -5.51
C ASP A 87 -9.79 5.00 -5.68
N SER A 88 -8.56 5.27 -6.04
CA SER A 88 -8.08 6.63 -6.21
C SER A 88 -8.64 7.27 -7.46
N VAL A 89 -8.59 6.54 -8.54
CA VAL A 89 -9.11 7.02 -9.79
C VAL A 89 -10.60 7.21 -9.59
N THR A 90 -11.18 6.30 -8.83
CA THR A 90 -12.58 6.34 -8.53
C THR A 90 -12.97 7.60 -7.76
N TYR A 91 -12.22 7.90 -6.70
CA TYR A 91 -12.51 9.08 -5.91
C TYR A 91 -12.11 10.34 -6.67
N THR A 92 -11.01 10.25 -7.41
CA THR A 92 -10.59 11.41 -8.18
C THR A 92 -11.61 11.65 -9.28
N GLU A 93 -11.97 10.59 -9.96
CA GLU A 93 -12.99 10.69 -10.99
C GLU A 93 -14.29 11.16 -10.37
N HIS A 94 -14.55 10.70 -9.15
CA HIS A 94 -15.76 11.10 -8.45
C HIS A 94 -15.75 12.61 -8.33
N ALA A 95 -14.56 13.13 -8.12
CA ALA A 95 -14.35 14.57 -8.01
C ALA A 95 -13.75 15.07 -9.31
N LYS A 96 -13.99 14.31 -10.38
CA LYS A 96 -13.47 14.63 -11.71
C LYS A 96 -12.07 15.21 -11.63
N ARG A 97 -11.31 14.72 -10.67
CA ARG A 97 -9.93 15.16 -10.49
C ARG A 97 -8.98 14.20 -11.19
N LYS A 98 -7.79 14.71 -11.46
CA LYS A 98 -6.74 13.94 -12.10
C LYS A 98 -5.46 14.18 -11.30
N THR A 99 -5.37 13.52 -10.16
CA THR A 99 -4.24 13.68 -9.27
C THR A 99 -4.24 12.60 -8.20
N VAL A 100 -3.06 12.23 -7.71
CA VAL A 100 -2.94 11.22 -6.65
C VAL A 100 -2.47 11.90 -5.37
N THR A 101 -3.23 11.74 -4.29
CA THR A 101 -2.87 12.38 -3.02
C THR A 101 -2.87 11.36 -1.90
N SER A 102 -2.06 11.59 -0.86
CA SER A 102 -2.02 10.67 0.25
C SER A 102 -3.40 10.56 0.87
N LEU A 103 -4.20 11.57 0.60
CA LEU A 103 -5.55 11.62 1.14
C LEU A 103 -6.40 10.52 0.53
N ASP A 104 -6.37 10.42 -0.78
CA ASP A 104 -7.15 9.41 -1.45
C ASP A 104 -6.62 8.05 -1.05
N VAL A 105 -5.33 7.99 -0.82
CA VAL A 105 -4.71 6.75 -0.38
C VAL A 105 -5.28 6.38 0.97
N VAL A 106 -5.40 7.38 1.83
CA VAL A 106 -5.96 7.18 3.15
C VAL A 106 -7.41 6.70 3.02
N TYR A 107 -8.13 7.27 2.08
CA TYR A 107 -9.50 6.89 1.84
C TYR A 107 -9.52 5.44 1.40
N ALA A 108 -8.58 5.07 0.54
CA ALA A 108 -8.47 3.71 0.07
C ALA A 108 -8.16 2.78 1.24
N LEU A 109 -7.27 3.24 2.11
CA LEU A 109 -6.90 2.47 3.29
C LEU A 109 -8.12 2.30 4.21
N LYS A 110 -8.95 3.33 4.28
CA LYS A 110 -10.13 3.29 5.11
C LYS A 110 -11.05 2.16 4.69
N ARG A 111 -11.25 2.03 3.39
CA ARG A 111 -12.10 0.98 2.84
C ARG A 111 -11.50 -0.34 3.19
N GLN A 112 -10.20 -0.32 3.16
CA GLN A 112 -9.41 -1.49 3.48
C GLN A 112 -9.66 -1.87 4.93
N GLY A 113 -10.50 -1.06 5.59
CA GLY A 113 -10.85 -1.30 6.99
C GLY A 113 -9.84 -0.71 7.95
N ARG A 114 -9.06 0.26 7.49
CA ARG A 114 -8.06 0.91 8.33
C ARG A 114 -8.62 2.21 8.90
N THR A 115 -8.11 2.61 10.06
CA THR A 115 -8.56 3.83 10.71
C THR A 115 -10.05 4.05 10.49
N LEU A 116 -10.83 3.34 11.27
CA LEU A 116 -12.28 3.44 11.17
C LEU A 116 -12.76 4.84 11.46
N TYR A 117 -12.13 5.46 12.45
CA TYR A 117 -12.46 6.82 12.85
C TYR A 117 -13.81 6.88 13.56
N GLY A 118 -14.12 5.85 14.34
CA GLY A 118 -15.38 5.81 15.07
C GLY A 118 -16.52 5.33 14.19
N PHE A 119 -16.18 4.97 12.97
CA PHE A 119 -17.17 4.49 12.00
C PHE A 119 -17.82 3.21 12.51
N GLY A 120 -17.03 2.34 13.11
CA GLY A 120 -17.54 1.07 13.63
C GLY A 120 -18.12 1.26 15.02
N GLY A 121 -19.44 1.31 15.08
CA GLY A 121 -20.12 1.49 16.35
C GLY A 121 -21.57 1.92 16.13
N LEU A 1 21.52 6.75 -3.18
CA LEU A 1 21.40 6.35 -1.76
C LEU A 1 20.14 6.99 -1.15
N ILE A 2 20.28 7.54 0.06
CA ILE A 2 19.14 8.17 0.73
C ILE A 2 18.64 9.37 -0.07
N SER A 3 19.56 10.21 -0.54
CA SER A 3 19.17 11.39 -1.30
C SER A 3 18.47 10.99 -2.60
N LYS A 4 19.00 9.96 -3.25
CA LYS A 4 18.42 9.47 -4.50
C LYS A 4 17.04 8.88 -4.27
N ILE A 5 16.88 8.17 -3.15
CA ILE A 5 15.60 7.55 -2.83
C ILE A 5 15.19 6.60 -3.97
N PRO A 6 16.05 5.68 -4.31
CA PRO A 6 15.78 4.70 -5.40
C PRO A 6 14.63 3.77 -5.07
N PHE A 7 14.41 3.53 -3.79
CA PHE A 7 13.33 2.64 -3.38
C PHE A 7 12.00 3.26 -3.79
N ALA A 8 11.85 4.57 -3.55
CA ALA A 8 10.63 5.26 -3.93
C ALA A 8 10.48 5.17 -5.44
N ARG A 9 11.58 5.30 -6.16
CA ARG A 9 11.54 5.22 -7.61
C ARG A 9 11.05 3.84 -8.03
N LEU A 10 11.49 2.80 -7.33
CA LEU A 10 11.09 1.44 -7.67
C LEU A 10 9.62 1.21 -7.34
N VAL A 11 9.21 1.69 -6.17
CA VAL A 11 7.82 1.52 -5.76
C VAL A 11 6.95 2.32 -6.71
N LYS A 12 7.39 3.54 -6.98
CA LYS A 12 6.68 4.40 -7.89
C LYS A 12 6.64 3.80 -9.27
N GLU A 13 7.75 3.17 -9.68
CA GLU A 13 7.79 2.58 -11.00
C GLU A 13 6.77 1.45 -11.15
N VAL A 14 6.73 0.53 -10.19
CA VAL A 14 5.77 -0.57 -10.25
C VAL A 14 4.36 -0.02 -10.21
N THR A 15 4.17 0.92 -9.30
CA THR A 15 2.88 1.53 -9.12
C THR A 15 2.48 2.26 -10.38
N ASP A 16 3.46 2.90 -11.02
CA ASP A 16 3.20 3.63 -12.26
C ASP A 16 2.68 2.69 -13.35
N GLU A 17 3.22 1.48 -13.39
CA GLU A 17 2.78 0.50 -14.38
C GLU A 17 1.31 0.24 -14.17
N PHE A 18 0.92 0.15 -12.92
CA PHE A 18 -0.47 -0.08 -12.58
C PHE A 18 -1.26 1.21 -12.84
N THR A 19 -0.65 2.33 -12.44
CA THR A 19 -1.25 3.64 -12.61
C THR A 19 -0.99 4.14 -14.02
N THR A 20 -0.53 3.25 -14.89
CA THR A 20 -0.26 3.61 -16.27
C THR A 20 -1.43 4.44 -16.81
N LYS A 21 -2.54 4.40 -16.06
CA LYS A 21 -3.72 5.17 -16.38
C LYS A 21 -3.44 6.65 -16.18
N ASP A 22 -2.16 7.03 -16.24
CA ASP A 22 -1.78 8.42 -16.06
C ASP A 22 -2.21 9.21 -17.29
N GLN A 23 -3.43 8.92 -17.72
CA GLN A 23 -4.00 9.56 -18.89
C GLN A 23 -4.03 11.06 -18.73
N ASP A 24 -4.01 11.53 -17.48
CA ASP A 24 -4.01 12.95 -17.20
C ASP A 24 -3.77 13.18 -15.72
N LEU A 25 -3.59 12.08 -14.99
CA LEU A 25 -3.36 12.18 -13.55
C LEU A 25 -2.06 12.90 -13.24
N ARG A 26 -1.93 13.25 -11.98
CA ARG A 26 -0.74 13.96 -11.49
C ARG A 26 -0.33 13.43 -10.13
N TRP A 27 0.97 13.23 -9.94
CA TRP A 27 1.48 12.72 -8.67
C TRP A 27 2.01 13.85 -7.79
N GLN A 28 1.35 14.07 -6.67
CA GLN A 28 1.77 15.09 -5.71
C GLN A 28 2.84 14.48 -4.80
N SER A 29 3.61 15.33 -4.13
CA SER A 29 4.63 14.81 -3.23
C SER A 29 3.97 14.00 -2.13
N MET A 30 2.67 14.26 -1.93
CA MET A 30 1.91 13.53 -0.92
C MET A 30 1.76 12.08 -1.37
N ALA A 31 1.60 11.90 -2.68
CA ALA A 31 1.45 10.57 -3.23
C ALA A 31 2.62 9.71 -2.76
N ILE A 32 3.81 10.29 -2.81
CA ILE A 32 5.03 9.62 -2.39
C ILE A 32 5.00 9.38 -0.89
N MET A 33 4.50 10.37 -0.15
CA MET A 33 4.40 10.23 1.29
C MET A 33 3.51 9.03 1.57
N ALA A 34 2.50 8.88 0.73
CA ALA A 34 1.56 7.78 0.84
C ALA A 34 2.29 6.46 0.68
N LEU A 35 3.26 6.41 -0.22
CA LEU A 35 4.01 5.19 -0.42
C LEU A 35 4.76 4.83 0.85
N GLN A 36 5.30 5.86 1.51
CA GLN A 36 6.05 5.66 2.73
C GLN A 36 5.12 5.16 3.83
N GLU A 37 3.93 5.75 3.87
CA GLU A 37 2.93 5.37 4.84
C GLU A 37 2.46 3.95 4.56
N ALA A 38 2.34 3.62 3.29
CA ALA A 38 1.86 2.30 2.91
C ALA A 38 2.79 1.20 3.39
N SER A 39 4.09 1.38 3.19
CA SER A 39 5.04 0.36 3.60
C SER A 39 5.12 0.26 5.12
N GLU A 40 5.14 1.39 5.80
CA GLU A 40 5.24 1.38 7.26
C GLU A 40 3.91 0.97 7.89
N ALA A 41 2.82 1.33 7.23
CA ALA A 41 1.49 1.00 7.73
C ALA A 41 1.23 -0.48 7.59
N TYR A 42 1.65 -1.03 6.46
CA TYR A 42 1.45 -2.44 6.21
C TYR A 42 2.23 -3.23 7.24
N LEU A 43 3.44 -2.76 7.52
CA LEU A 43 4.31 -3.42 8.49
C LEU A 43 3.75 -3.34 9.89
N VAL A 44 3.35 -2.15 10.31
CA VAL A 44 2.81 -2.00 11.65
C VAL A 44 1.59 -2.88 11.75
N GLY A 45 0.82 -2.88 10.69
CA GLY A 45 -0.37 -3.70 10.62
C GLY A 45 0.00 -5.18 10.70
N LEU A 46 1.07 -5.57 10.01
CA LEU A 46 1.52 -6.96 9.99
C LEU A 46 2.09 -7.35 11.34
N LEU A 47 2.90 -6.47 11.87
CA LEU A 47 3.55 -6.65 13.15
C LEU A 47 2.49 -6.78 14.24
N GLU A 48 1.56 -5.85 14.23
CA GLU A 48 0.48 -5.84 15.18
C GLU A 48 -0.54 -6.93 14.93
N HIS A 49 -0.68 -7.38 13.67
CA HIS A 49 -1.69 -8.41 13.35
C HIS A 49 -1.10 -9.83 13.35
N THR A 50 0.19 -9.96 13.07
CA THR A 50 0.79 -11.29 13.02
C THR A 50 0.91 -11.90 14.42
N ASN A 51 1.01 -11.04 15.44
CA ASN A 51 1.12 -11.52 16.81
C ASN A 51 -0.24 -11.93 17.37
N LEU A 52 -1.30 -11.54 16.68
CA LEU A 52 -2.64 -11.90 17.11
C LEU A 52 -2.91 -13.33 16.70
N LEU A 53 -2.03 -13.87 15.87
CA LEU A 53 -2.16 -15.25 15.41
C LEU A 53 -1.94 -16.14 16.61
N ALA A 54 -1.08 -15.66 17.49
CA ALA A 54 -0.72 -16.38 18.70
C ALA A 54 -1.95 -16.66 19.56
N LEU A 55 -3.03 -15.94 19.30
CA LEU A 55 -4.26 -16.12 20.08
C LEU A 55 -4.81 -17.54 19.91
N HIS A 56 -4.75 -18.05 18.68
CA HIS A 56 -5.25 -19.40 18.40
C HIS A 56 -4.28 -20.15 17.48
N LEU A 57 -3.55 -19.40 16.66
CA LEU A 57 -2.61 -20.00 15.72
C LEU A 57 -1.19 -19.85 16.21
N VAL A 58 -0.43 -20.94 16.09
CA VAL A 58 0.97 -20.95 16.52
C VAL A 58 1.91 -21.02 15.31
N PRO A 59 2.47 -19.91 14.89
CA PRO A 59 3.40 -19.89 13.72
C PRO A 59 4.50 -20.94 13.84
N ARG A 60 4.76 -21.63 12.74
CA ARG A 60 5.79 -22.66 12.72
C ARG A 60 6.37 -22.79 11.31
N GLY A 61 7.46 -23.54 11.19
CA GLY A 61 8.11 -23.72 9.90
C GLY A 61 8.92 -22.48 9.51
N SER A 62 9.22 -21.65 10.49
CA SER A 62 9.98 -20.44 10.23
C SER A 62 11.36 -20.78 9.66
N LYS A 63 12.00 -21.77 10.26
CA LYS A 63 13.33 -22.19 9.79
C LYS A 63 13.25 -22.71 8.36
N ARG A 64 12.07 -23.15 7.95
CA ARG A 64 11.86 -23.66 6.60
C ARG A 64 11.61 -22.51 5.63
N ILE A 65 12.61 -22.16 4.85
CA ILE A 65 12.49 -21.07 3.88
C ILE A 65 12.27 -21.62 2.49
N SER A 66 11.01 -21.76 2.10
CA SER A 66 10.68 -22.26 0.77
C SER A 66 9.94 -21.20 -0.03
N GLY A 67 9.27 -20.30 0.68
CA GLY A 67 8.51 -19.22 0.04
C GLY A 67 9.17 -17.88 0.33
N LEU A 68 9.39 -17.09 -0.70
CA LEU A 68 10.03 -15.79 -0.54
C LEU A 68 9.08 -14.84 0.21
N ILE A 69 9.52 -14.40 1.38
CA ILE A 69 8.72 -13.49 2.19
C ILE A 69 8.53 -12.18 1.42
N TYR A 70 9.60 -11.71 0.81
CA TYR A 70 9.55 -10.47 0.04
C TYR A 70 8.60 -10.59 -1.14
N GLU A 71 8.60 -11.74 -1.80
CA GLU A 71 7.73 -11.93 -2.95
C GLU A 71 6.27 -11.77 -2.53
N GLU A 72 5.91 -12.38 -1.41
CA GLU A 72 4.55 -12.29 -0.90
C GLU A 72 4.16 -10.87 -0.55
N VAL A 73 5.05 -10.18 0.13
CA VAL A 73 4.82 -8.81 0.53
C VAL A 73 4.68 -7.94 -0.71
N ARG A 74 5.51 -8.22 -1.68
CA ARG A 74 5.49 -7.46 -2.92
C ARG A 74 4.18 -7.65 -3.66
N ALA A 75 3.74 -8.89 -3.72
CA ALA A 75 2.50 -9.21 -4.41
C ALA A 75 1.28 -8.71 -3.63
N VAL A 76 1.41 -8.61 -2.31
CA VAL A 76 0.29 -8.15 -1.51
C VAL A 76 0.27 -6.63 -1.56
N LEU A 77 1.46 -6.04 -1.68
CA LEU A 77 1.53 -4.58 -1.81
C LEU A 77 0.99 -4.22 -3.17
N LYS A 78 1.27 -5.07 -4.14
CA LYS A 78 0.81 -4.88 -5.48
C LYS A 78 -0.70 -4.81 -5.47
N SER A 79 -1.31 -5.70 -4.72
CA SER A 79 -2.76 -5.71 -4.61
C SER A 79 -3.22 -4.38 -4.02
N PHE A 80 -2.54 -3.96 -2.97
CA PHE A 80 -2.86 -2.70 -2.33
C PHE A 80 -2.69 -1.54 -3.31
N LEU A 81 -1.54 -1.46 -3.94
CA LEU A 81 -1.28 -0.38 -4.89
C LEU A 81 -2.31 -0.42 -6.02
N GLU A 82 -2.54 -1.60 -6.58
CA GLU A 82 -3.50 -1.74 -7.67
C GLU A 82 -4.88 -1.29 -7.25
N SER A 83 -5.33 -1.77 -6.11
CA SER A 83 -6.63 -1.39 -5.58
C SER A 83 -6.68 0.10 -5.27
N VAL A 84 -5.57 0.61 -4.77
CA VAL A 84 -5.49 2.01 -4.40
C VAL A 84 -5.77 2.89 -5.61
N ILE A 85 -5.20 2.50 -6.73
CA ILE A 85 -5.38 3.24 -7.96
C ILE A 85 -6.83 3.17 -8.39
N ARG A 86 -7.39 1.98 -8.28
CA ARG A 86 -8.76 1.80 -8.65
C ARG A 86 -9.65 2.65 -7.77
N ASP A 87 -9.31 2.72 -6.50
CA ASP A 87 -10.06 3.52 -5.55
C ASP A 87 -9.78 5.01 -5.72
N SER A 88 -8.55 5.29 -6.07
CA SER A 88 -8.08 6.67 -6.24
C SER A 88 -8.63 7.28 -7.49
N VAL A 89 -8.61 6.52 -8.56
CA VAL A 89 -9.14 6.98 -9.81
C VAL A 89 -10.62 7.17 -9.61
N THR A 90 -11.20 6.26 -8.85
CA THR A 90 -12.60 6.29 -8.54
C THR A 90 -13.00 7.55 -7.78
N TYR A 91 -12.27 7.86 -6.71
CA TYR A 91 -12.54 9.04 -5.91
C TYR A 91 -12.15 10.29 -6.66
N THR A 92 -11.06 10.21 -7.41
CA THR A 92 -10.62 11.36 -8.17
C THR A 92 -11.62 11.61 -9.26
N GLU A 93 -12.00 10.56 -9.97
CA GLU A 93 -13.01 10.70 -11.00
C GLU A 93 -14.31 11.16 -10.36
N HIS A 94 -14.57 10.70 -9.15
CA HIS A 94 -15.78 11.10 -8.45
C HIS A 94 -15.77 12.61 -8.31
N ALA A 95 -14.58 13.11 -8.08
CA ALA A 95 -14.35 14.55 -7.96
C ALA A 95 -13.76 15.07 -9.26
N LYS A 96 -14.01 14.31 -10.33
CA LYS A 96 -13.51 14.64 -11.67
C LYS A 96 -12.09 15.21 -11.60
N ARG A 97 -11.33 14.73 -10.64
CA ARG A 97 -9.95 15.16 -10.46
C ARG A 97 -9.01 14.20 -11.16
N LYS A 98 -7.81 14.69 -11.43
CA LYS A 98 -6.77 13.89 -12.07
C LYS A 98 -5.48 14.14 -11.30
N THR A 99 -5.38 13.50 -10.15
CA THR A 99 -4.24 13.67 -9.27
C THR A 99 -4.23 12.59 -8.19
N VAL A 100 -3.04 12.17 -7.77
CA VAL A 100 -2.92 11.14 -6.72
C VAL A 100 -2.49 11.83 -5.43
N THR A 101 -3.30 11.69 -4.38
CA THR A 101 -2.98 12.33 -3.10
C THR A 101 -2.94 11.29 -1.99
N SER A 102 -2.13 11.57 -0.98
CA SER A 102 -2.02 10.65 0.14
C SER A 102 -3.36 10.55 0.83
N LEU A 103 -4.17 11.54 0.61
CA LEU A 103 -5.49 11.60 1.20
C LEU A 103 -6.38 10.51 0.61
N ASP A 104 -6.39 10.41 -0.70
CA ASP A 104 -7.19 9.40 -1.36
C ASP A 104 -6.66 8.03 -0.99
N VAL A 105 -5.34 7.97 -0.79
CA VAL A 105 -4.71 6.73 -0.39
C VAL A 105 -5.24 6.34 0.97
N VAL A 106 -5.33 7.33 1.84
CA VAL A 106 -5.85 7.12 3.19
C VAL A 106 -7.28 6.60 3.11
N TYR A 107 -8.07 7.17 2.21
CA TYR A 107 -9.44 6.73 2.05
C TYR A 107 -9.42 5.27 1.62
N ALA A 108 -8.49 4.95 0.74
CA ALA A 108 -8.35 3.59 0.26
C ALA A 108 -7.96 2.67 1.41
N LEU A 109 -7.04 3.13 2.24
CA LEU A 109 -6.59 2.35 3.39
C LEU A 109 -7.73 2.16 4.39
N LYS A 110 -8.54 3.19 4.55
CA LYS A 110 -9.65 3.15 5.48
C LYS A 110 -10.64 2.04 5.12
N ARG A 111 -10.98 1.96 3.84
CA ARG A 111 -11.92 0.94 3.39
C ARG A 111 -11.25 -0.40 3.33
N GLN A 112 -9.94 -0.37 3.30
CA GLN A 112 -9.17 -1.58 3.26
C GLN A 112 -9.39 -2.33 4.56
N GLY A 113 -9.93 -1.61 5.53
CA GLY A 113 -10.23 -2.19 6.85
C GLY A 113 -9.33 -1.59 7.94
N ARG A 114 -8.96 -0.32 7.79
CA ARG A 114 -8.11 0.34 8.78
C ARG A 114 -8.76 1.62 9.28
N THR A 115 -8.35 2.05 10.48
CA THR A 115 -8.89 3.24 11.10
C THR A 115 -10.32 2.98 11.58
N LEU A 116 -10.77 1.75 11.41
CA LEU A 116 -12.11 1.37 11.83
C LEU A 116 -12.24 1.53 13.35
N TYR A 117 -13.45 1.87 13.79
CA TYR A 117 -13.71 2.06 15.23
C TYR A 117 -14.34 0.82 15.85
N GLY A 118 -14.37 -0.26 15.07
CA GLY A 118 -14.94 -1.53 15.55
C GLY A 118 -16.27 -1.83 14.87
N PHE A 119 -16.67 -0.95 13.97
CA PHE A 119 -17.92 -1.14 13.25
C PHE A 119 -17.86 -2.41 12.42
N GLY A 120 -16.71 -2.67 11.81
CA GLY A 120 -16.54 -3.86 10.99
C GLY A 120 -16.11 -5.04 11.85
N GLY A 121 -17.07 -5.90 12.13
CA GLY A 121 -16.81 -7.08 12.93
C GLY A 121 -16.71 -6.73 14.41
N LEU A 1 22.75 11.89 -4.64
CA LEU A 1 23.29 11.55 -5.99
C LEU A 1 22.14 11.19 -6.92
N ILE A 2 22.46 10.47 -7.98
CA ILE A 2 21.44 10.07 -8.95
C ILE A 2 20.53 9.00 -8.36
N SER A 3 20.95 8.43 -7.23
CA SER A 3 20.16 7.40 -6.57
C SER A 3 18.80 7.95 -6.17
N LYS A 4 18.80 9.18 -5.66
CA LYS A 4 17.57 9.85 -5.23
C LYS A 4 16.55 8.87 -4.66
N ILE A 5 16.83 8.33 -3.49
CA ILE A 5 15.91 7.40 -2.84
C ILE A 5 15.41 6.36 -3.86
N PRO A 6 16.25 5.43 -4.23
CA PRO A 6 15.89 4.37 -5.22
C PRO A 6 14.58 3.67 -4.88
N PHE A 7 14.34 3.46 -3.59
CA PHE A 7 13.10 2.81 -3.17
C PHE A 7 11.90 3.62 -3.64
N ALA A 8 11.97 4.93 -3.45
CA ALA A 8 10.88 5.80 -3.86
C ALA A 8 10.66 5.62 -5.36
N ARG A 9 11.75 5.46 -6.10
CA ARG A 9 11.66 5.28 -7.54
C ARG A 9 11.06 3.92 -7.90
N LEU A 10 11.44 2.88 -7.17
CA LEU A 10 10.96 1.53 -7.47
C LEU A 10 9.48 1.39 -7.15
N VAL A 11 9.08 1.91 -6.01
CA VAL A 11 7.67 1.80 -5.63
C VAL A 11 6.87 2.67 -6.57
N LYS A 12 7.40 3.86 -6.86
CA LYS A 12 6.73 4.76 -7.79
C LYS A 12 6.67 4.11 -9.15
N GLU A 13 7.74 3.43 -9.54
CA GLU A 13 7.77 2.79 -10.85
C GLU A 13 6.77 1.64 -10.96
N VAL A 14 6.71 0.79 -9.94
CA VAL A 14 5.76 -0.32 -9.95
C VAL A 14 4.35 0.25 -9.97
N THR A 15 4.15 1.23 -9.12
CA THR A 15 2.86 1.86 -9.04
C THR A 15 2.53 2.61 -10.31
N ASP A 16 3.54 3.16 -10.98
CA ASP A 16 3.29 3.88 -12.21
C ASP A 16 2.68 2.95 -13.25
N GLU A 17 3.15 1.71 -13.23
CA GLU A 17 2.65 0.70 -14.15
C GLU A 17 1.19 0.45 -13.86
N PHE A 18 0.85 0.41 -12.59
CA PHE A 18 -0.54 0.22 -12.20
C PHE A 18 -1.29 1.51 -12.50
N THR A 19 -0.63 2.62 -12.22
CA THR A 19 -1.18 3.94 -12.44
C THR A 19 -0.99 4.32 -13.90
N THR A 20 -0.58 3.36 -14.71
CA THR A 20 -0.39 3.59 -16.14
C THR A 20 -1.59 4.37 -16.67
N LYS A 21 -2.65 4.39 -15.85
CA LYS A 21 -3.86 5.13 -16.14
C LYS A 21 -3.57 6.62 -16.01
N ASP A 22 -2.29 6.99 -16.13
CA ASP A 22 -1.89 8.38 -16.03
C ASP A 22 -2.37 9.14 -17.25
N GLN A 23 -3.58 8.80 -17.68
CA GLN A 23 -4.17 9.42 -18.85
C GLN A 23 -4.08 10.93 -18.73
N ASP A 24 -3.98 11.42 -17.50
CA ASP A 24 -3.87 12.85 -17.26
C ASP A 24 -3.61 13.12 -15.79
N LEU A 25 -3.53 12.05 -15.01
CA LEU A 25 -3.31 12.18 -13.55
C LEU A 25 -2.03 12.96 -13.26
N ARG A 26 -1.91 13.34 -12.00
CA ARG A 26 -0.75 14.10 -11.52
C ARG A 26 -0.31 13.59 -10.16
N TRP A 27 1.00 13.45 -9.97
CA TRP A 27 1.56 12.95 -8.71
C TRP A 27 2.10 14.06 -7.83
N GLN A 28 1.43 14.25 -6.71
CA GLN A 28 1.79 15.23 -5.72
C GLN A 28 2.82 14.64 -4.78
N SER A 29 3.53 15.48 -4.04
CA SER A 29 4.53 14.97 -3.12
C SER A 29 3.86 14.08 -2.07
N MET A 30 2.57 14.29 -1.86
CA MET A 30 1.83 13.47 -0.89
C MET A 30 1.73 12.04 -1.42
N ALA A 31 1.55 11.92 -2.72
CA ALA A 31 1.45 10.61 -3.34
C ALA A 31 2.64 9.76 -2.91
N ILE A 32 3.79 10.38 -2.88
CA ILE A 32 5.02 9.72 -2.47
C ILE A 32 4.97 9.42 -0.97
N MET A 33 4.43 10.35 -0.20
CA MET A 33 4.32 10.16 1.23
C MET A 33 3.45 8.95 1.49
N ALA A 34 2.41 8.80 0.67
CA ALA A 34 1.49 7.68 0.80
C ALA A 34 2.26 6.37 0.65
N LEU A 35 3.21 6.35 -0.28
CA LEU A 35 4.00 5.16 -0.49
C LEU A 35 4.80 4.85 0.76
N GLN A 36 5.30 5.89 1.41
CA GLN A 36 6.07 5.71 2.63
C GLN A 36 5.17 5.18 3.73
N GLU A 37 3.96 5.75 3.80
CA GLU A 37 3.00 5.31 4.79
C GLU A 37 2.60 3.87 4.54
N ALA A 38 2.48 3.52 3.27
CA ALA A 38 2.08 2.17 2.89
C ALA A 38 3.05 1.10 3.34
N SER A 39 4.33 1.30 3.08
CA SER A 39 5.32 0.30 3.46
C SER A 39 5.44 0.17 4.98
N GLU A 40 5.56 1.31 5.64
CA GLU A 40 5.71 1.31 7.10
C GLU A 40 4.41 0.85 7.76
N ALA A 41 3.28 1.10 7.12
CA ALA A 41 1.98 0.72 7.66
C ALA A 41 1.79 -0.79 7.63
N TYR A 42 2.19 -1.39 6.52
CA TYR A 42 2.04 -2.82 6.36
C TYR A 42 2.91 -3.54 7.37
N LEU A 43 4.08 -2.99 7.59
CA LEU A 43 5.05 -3.60 8.51
C LEU A 43 4.54 -3.64 9.95
N VAL A 44 4.09 -2.50 10.46
CA VAL A 44 3.60 -2.47 11.83
C VAL A 44 2.49 -3.50 11.95
N GLY A 45 1.68 -3.57 10.92
CA GLY A 45 0.59 -4.53 10.89
C GLY A 45 1.15 -5.96 10.89
N LEU A 46 2.20 -6.19 10.11
CA LEU A 46 2.82 -7.51 10.03
C LEU A 46 3.43 -7.88 11.36
N LEU A 47 4.17 -6.92 11.90
CA LEU A 47 4.84 -7.07 13.18
C LEU A 47 3.81 -7.34 14.26
N GLU A 48 2.76 -6.53 14.27
CA GLU A 48 1.70 -6.70 15.23
C GLU A 48 1.04 -8.06 15.00
N HIS A 49 0.91 -8.43 13.72
CA HIS A 49 0.30 -9.71 13.38
C HIS A 49 1.19 -10.88 13.79
N THR A 50 2.51 -10.66 13.73
CA THR A 50 3.46 -11.71 14.10
C THR A 50 3.46 -11.95 15.61
N ASN A 51 2.40 -11.53 16.26
CA ASN A 51 2.26 -11.70 17.71
C ASN A 51 1.74 -13.09 18.01
N LEU A 52 1.61 -13.89 16.96
CA LEU A 52 1.12 -15.24 17.11
C LEU A 52 2.12 -16.02 17.96
N LEU A 53 3.26 -15.40 18.19
CA LEU A 53 4.31 -16.01 19.00
C LEU A 53 3.80 -16.13 20.42
N ALA A 54 2.89 -15.21 20.74
CA ALA A 54 2.29 -15.16 22.07
C ALA A 54 1.48 -16.43 22.36
N LEU A 55 1.30 -17.26 21.34
CA LEU A 55 0.55 -18.50 21.50
C LEU A 55 1.41 -19.55 22.18
N HIS A 56 2.47 -19.09 22.85
CA HIS A 56 3.39 -19.99 23.54
C HIS A 56 4.18 -20.82 22.54
N LEU A 57 4.66 -20.16 21.49
CA LEU A 57 5.45 -20.83 20.45
C LEU A 57 6.92 -20.43 20.58
N VAL A 58 7.78 -21.30 20.05
CA VAL A 58 9.22 -21.06 20.09
C VAL A 58 9.80 -20.98 18.69
N PRO A 59 10.01 -19.81 18.14
CA PRO A 59 10.61 -19.70 16.79
C PRO A 59 12.11 -19.90 16.86
N ARG A 60 12.62 -20.88 16.11
CA ARG A 60 14.04 -21.15 16.11
C ARG A 60 14.82 -20.05 15.41
N GLY A 61 14.27 -19.56 14.29
CA GLY A 61 14.93 -18.50 13.53
C GLY A 61 16.07 -19.06 12.72
N SER A 62 16.25 -20.38 12.79
CA SER A 62 17.33 -21.05 12.08
C SER A 62 17.17 -20.91 10.57
N LYS A 63 15.95 -21.04 10.06
CA LYS A 63 15.71 -20.93 8.62
C LYS A 63 14.41 -20.15 8.34
N ARG A 64 13.28 -20.76 8.66
CA ARG A 64 11.99 -20.12 8.43
C ARG A 64 11.93 -19.45 7.05
N ILE A 65 12.18 -20.22 6.00
CA ILE A 65 12.16 -19.71 4.63
C ILE A 65 11.58 -20.75 3.67
N SER A 66 10.45 -21.33 4.04
CA SER A 66 9.81 -22.34 3.21
C SER A 66 9.44 -21.73 1.85
N GLY A 67 8.95 -20.50 1.89
CA GLY A 67 8.55 -19.79 0.68
C GLY A 67 9.21 -18.42 0.62
N LEU A 68 8.85 -17.62 -0.38
CA LEU A 68 9.42 -16.29 -0.53
C LEU A 68 8.52 -15.25 0.14
N ILE A 69 8.93 -14.81 1.32
CA ILE A 69 8.18 -13.81 2.07
C ILE A 69 8.13 -12.51 1.30
N TYR A 70 9.27 -12.13 0.71
CA TYR A 70 9.35 -10.89 -0.04
C TYR A 70 8.40 -10.92 -1.24
N GLU A 71 8.35 -12.05 -1.94
CA GLU A 71 7.46 -12.15 -3.09
C GLU A 71 6.02 -11.93 -2.67
N GLU A 72 5.65 -12.57 -1.55
CA GLU A 72 4.29 -12.46 -1.03
C GLU A 72 3.94 -11.04 -0.65
N VAL A 73 4.85 -10.38 0.06
CA VAL A 73 4.62 -9.01 0.50
C VAL A 73 4.54 -8.11 -0.72
N ARG A 74 5.38 -8.39 -1.67
CA ARG A 74 5.39 -7.60 -2.89
C ARG A 74 4.08 -7.73 -3.63
N ALA A 75 3.61 -8.97 -3.73
CA ALA A 75 2.37 -9.24 -4.42
C ALA A 75 1.16 -8.74 -3.64
N VAL A 76 1.28 -8.67 -2.31
CA VAL A 76 0.17 -8.21 -1.50
C VAL A 76 0.16 -6.69 -1.53
N LEU A 77 1.36 -6.11 -1.60
CA LEU A 77 1.46 -4.67 -1.70
C LEU A 77 0.91 -4.25 -3.03
N LYS A 78 1.21 -5.07 -4.02
CA LYS A 78 0.76 -4.85 -5.36
C LYS A 78 -0.77 -4.81 -5.35
N SER A 79 -1.37 -5.74 -4.64
CA SER A 79 -2.81 -5.76 -4.53
C SER A 79 -3.30 -4.46 -3.91
N PHE A 80 -2.61 -4.04 -2.84
CA PHE A 80 -2.96 -2.81 -2.17
C PHE A 80 -2.82 -1.62 -3.12
N LEU A 81 -1.65 -1.51 -3.76
CA LEU A 81 -1.43 -0.39 -4.68
C LEU A 81 -2.44 -0.43 -5.82
N GLU A 82 -2.63 -1.62 -6.40
CA GLU A 82 -3.58 -1.79 -7.50
C GLU A 82 -4.97 -1.38 -7.09
N SER A 83 -5.40 -1.86 -5.93
CA SER A 83 -6.72 -1.51 -5.43
C SER A 83 -6.78 -0.02 -5.15
N VAL A 84 -5.68 0.50 -4.61
CA VAL A 84 -5.61 1.90 -4.29
C VAL A 84 -5.81 2.74 -5.54
N ILE A 85 -5.21 2.31 -6.64
CA ILE A 85 -5.32 3.03 -7.90
C ILE A 85 -6.76 3.00 -8.34
N ARG A 86 -7.37 1.84 -8.18
CA ARG A 86 -8.76 1.68 -8.57
C ARG A 86 -9.62 2.60 -7.72
N ASP A 87 -9.26 2.71 -6.45
CA ASP A 87 -10.00 3.55 -5.52
C ASP A 87 -9.63 5.02 -5.66
N SER A 88 -8.45 5.26 -6.18
CA SER A 88 -7.95 6.63 -6.33
C SER A 88 -8.47 7.24 -7.61
N VAL A 89 -8.48 6.44 -8.65
CA VAL A 89 -8.99 6.88 -9.91
C VAL A 89 -10.47 7.10 -9.74
N THR A 90 -11.08 6.20 -8.96
CA THR A 90 -12.49 6.27 -8.68
C THR A 90 -12.87 7.54 -7.94
N TYR A 91 -12.16 7.85 -6.85
CA TYR A 91 -12.44 9.06 -6.09
C TYR A 91 -12.04 10.28 -6.89
N THR A 92 -10.95 10.17 -7.62
CA THR A 92 -10.52 11.31 -8.42
C THR A 92 -11.54 11.51 -9.53
N GLU A 93 -11.88 10.42 -10.18
CA GLU A 93 -12.89 10.49 -11.23
C GLU A 93 -14.20 10.95 -10.63
N HIS A 94 -14.45 10.54 -9.39
CA HIS A 94 -15.69 10.95 -8.72
C HIS A 94 -15.71 12.46 -8.65
N ALA A 95 -14.54 13.00 -8.39
CA ALA A 95 -14.36 14.44 -8.33
C ALA A 95 -13.73 14.91 -9.62
N LYS A 96 -13.93 14.11 -10.68
CA LYS A 96 -13.37 14.38 -12.00
C LYS A 96 -12.01 15.05 -11.91
N ARG A 97 -11.20 14.54 -11.01
CA ARG A 97 -9.85 15.03 -10.80
C ARG A 97 -8.85 14.10 -11.48
N LYS A 98 -7.69 14.66 -11.73
CA LYS A 98 -6.58 13.95 -12.32
C LYS A 98 -5.38 14.23 -11.41
N THR A 99 -5.36 13.52 -10.29
CA THR A 99 -4.34 13.74 -9.28
C THR A 99 -4.29 12.58 -8.28
N VAL A 100 -3.10 12.27 -7.77
CA VAL A 100 -2.95 11.21 -6.76
C VAL A 100 -2.52 11.86 -5.46
N THR A 101 -3.34 11.72 -4.42
CA THR A 101 -3.02 12.32 -3.13
C THR A 101 -2.96 11.25 -2.06
N SER A 102 -2.13 11.48 -1.05
CA SER A 102 -2.02 10.56 0.05
C SER A 102 -3.35 10.47 0.76
N LEU A 103 -4.14 11.49 0.55
CA LEU A 103 -5.44 11.54 1.18
C LEU A 103 -6.36 10.48 0.61
N ASP A 104 -6.35 10.37 -0.71
CA ASP A 104 -7.17 9.39 -1.38
C ASP A 104 -6.70 8.00 -0.96
N VAL A 105 -5.39 7.89 -0.76
CA VAL A 105 -4.79 6.65 -0.33
C VAL A 105 -5.35 6.32 1.05
N VAL A 106 -5.41 7.34 1.90
CA VAL A 106 -5.95 7.17 3.23
C VAL A 106 -7.39 6.70 3.15
N TYR A 107 -8.16 7.27 2.25
CA TYR A 107 -9.54 6.86 2.07
C TYR A 107 -9.56 5.39 1.67
N ALA A 108 -8.65 5.05 0.78
CA ALA A 108 -8.54 3.68 0.29
C ALA A 108 -8.19 2.75 1.46
N LEU A 109 -7.28 3.21 2.30
CA LEU A 109 -6.88 2.43 3.47
C LEU A 109 -8.03 2.28 4.46
N LYS A 110 -8.79 3.35 4.61
CA LYS A 110 -9.92 3.37 5.52
C LYS A 110 -10.95 2.30 5.17
N ARG A 111 -11.28 2.20 3.88
CA ARG A 111 -12.24 1.23 3.43
C ARG A 111 -11.64 -0.14 3.42
N GLN A 112 -10.33 -0.17 3.40
CA GLN A 112 -9.60 -1.41 3.42
C GLN A 112 -9.87 -2.10 4.75
N GLY A 113 -10.44 -1.31 5.66
CA GLY A 113 -10.79 -1.82 7.00
C GLY A 113 -9.84 -1.29 8.06
N ARG A 114 -9.15 -0.19 7.77
CA ARG A 114 -8.22 0.38 8.74
C ARG A 114 -8.97 1.21 9.78
N THR A 115 -9.45 2.38 9.35
CA THR A 115 -10.19 3.29 10.24
C THR A 115 -9.72 3.16 11.66
N LEU A 116 -8.56 3.73 11.92
CA LEU A 116 -7.98 3.67 13.24
C LEU A 116 -8.85 4.40 14.25
N TYR A 117 -9.42 5.50 13.81
CA TYR A 117 -10.28 6.29 14.66
C TYR A 117 -9.53 6.72 15.92
N GLY A 118 -8.22 6.91 15.78
CA GLY A 118 -7.39 7.32 16.92
C GLY A 118 -6.95 6.13 17.75
N PHE A 119 -7.26 4.93 17.27
CA PHE A 119 -6.89 3.70 17.97
C PHE A 119 -5.62 3.11 17.36
N GLY A 120 -5.01 3.86 16.45
CA GLY A 120 -3.78 3.42 15.79
C GLY A 120 -2.57 3.78 16.61
N GLY A 121 -2.02 2.79 17.29
CA GLY A 121 -0.83 3.00 18.10
C GLY A 121 -1.20 3.67 19.42
N LEU A 1 24.16 8.83 -1.83
CA LEU A 1 23.48 7.58 -1.39
C LEU A 1 22.33 7.94 -0.46
N ILE A 2 22.64 8.61 0.63
CA ILE A 2 21.63 9.01 1.60
C ILE A 2 20.61 9.94 0.93
N SER A 3 21.11 10.91 0.18
CA SER A 3 20.24 11.86 -0.51
C SER A 3 19.36 11.12 -1.50
N LYS A 4 19.93 10.13 -2.17
CA LYS A 4 19.19 9.33 -3.15
C LYS A 4 18.17 8.45 -2.46
N ILE A 5 17.06 8.16 -3.16
CA ILE A 5 15.99 7.33 -2.59
C ILE A 5 15.50 6.31 -3.63
N PRO A 6 16.32 5.33 -3.93
CA PRO A 6 15.98 4.25 -4.91
C PRO A 6 14.65 3.58 -4.60
N PHE A 7 14.38 3.38 -3.31
CA PHE A 7 13.13 2.75 -2.91
C PHE A 7 11.94 3.56 -3.40
N ALA A 8 12.01 4.87 -3.21
CA ALA A 8 10.94 5.74 -3.66
C ALA A 8 10.74 5.56 -5.15
N ARG A 9 11.84 5.39 -5.86
CA ARG A 9 11.78 5.21 -7.30
C ARG A 9 11.21 3.84 -7.67
N LEU A 10 11.60 2.81 -6.91
CA LEU A 10 11.13 1.46 -7.21
C LEU A 10 9.64 1.30 -6.95
N VAL A 11 9.19 1.83 -5.84
CA VAL A 11 7.78 1.72 -5.50
C VAL A 11 6.99 2.57 -6.46
N LYS A 12 7.52 3.76 -6.73
CA LYS A 12 6.87 4.65 -7.68
C LYS A 12 6.86 4.01 -9.05
N GLU A 13 7.96 3.35 -9.41
CA GLU A 13 8.04 2.73 -10.73
C GLU A 13 7.03 1.59 -10.88
N VAL A 14 6.94 0.73 -9.87
CA VAL A 14 5.98 -0.37 -9.93
C VAL A 14 4.57 0.19 -9.97
N THR A 15 4.33 1.13 -9.09
CA THR A 15 3.03 1.74 -8.98
C THR A 15 2.70 2.48 -10.26
N ASP A 16 3.70 3.14 -10.86
CA ASP A 16 3.48 3.88 -12.10
C ASP A 16 2.99 2.95 -13.21
N GLU A 17 3.55 1.74 -13.26
CA GLU A 17 3.16 0.78 -14.27
C GLU A 17 1.69 0.47 -14.10
N PHE A 18 1.26 0.37 -12.85
CA PHE A 18 -0.14 0.11 -12.57
C PHE A 18 -0.93 1.38 -12.86
N THR A 19 -0.37 2.50 -12.44
CA THR A 19 -0.99 3.81 -12.62
C THR A 19 -0.70 4.30 -14.03
N THR A 20 -0.18 3.41 -14.87
CA THR A 20 0.12 3.76 -16.25
C THR A 20 -1.06 4.51 -16.84
N LYS A 21 -2.19 4.43 -16.14
CA LYS A 21 -3.40 5.12 -16.53
C LYS A 21 -3.22 6.62 -16.33
N ASP A 22 -1.97 7.07 -16.34
CA ASP A 22 -1.67 8.49 -16.17
C ASP A 22 -2.16 9.27 -17.38
N GLN A 23 -3.31 8.87 -17.87
CA GLN A 23 -3.92 9.50 -19.04
C GLN A 23 -4.10 10.99 -18.83
N ASP A 24 -4.14 11.41 -17.57
CA ASP A 24 -4.30 12.82 -17.25
C ASP A 24 -4.04 13.03 -15.76
N LEU A 25 -3.83 11.93 -15.05
CA LEU A 25 -3.57 12.02 -13.62
C LEU A 25 -2.31 12.81 -13.35
N ARG A 26 -2.15 13.16 -12.09
CA ARG A 26 -0.99 13.92 -11.63
C ARG A 26 -0.51 13.42 -10.28
N TRP A 27 0.80 13.29 -10.13
CA TRP A 27 1.37 12.80 -8.88
C TRP A 27 1.87 13.93 -7.98
N GLN A 28 1.20 14.08 -6.85
CA GLN A 28 1.59 15.09 -5.87
C GLN A 28 2.68 14.51 -4.97
N SER A 29 3.40 15.36 -4.26
CA SER A 29 4.43 14.88 -3.37
C SER A 29 3.80 13.98 -2.31
N MET A 30 2.51 14.21 -2.06
CA MET A 30 1.78 13.42 -1.08
C MET A 30 1.68 11.98 -1.56
N ALA A 31 1.47 11.83 -2.86
CA ALA A 31 1.36 10.50 -3.44
C ALA A 31 2.55 9.65 -2.99
N ILE A 32 3.71 10.27 -2.96
CA ILE A 32 4.93 9.62 -2.52
C ILE A 32 4.88 9.36 -1.02
N MET A 33 4.33 10.31 -0.29
CA MET A 33 4.22 10.16 1.16
C MET A 33 3.34 8.95 1.44
N ALA A 34 2.33 8.77 0.60
CA ALA A 34 1.40 7.65 0.74
C ALA A 34 2.17 6.34 0.62
N LEU A 35 3.13 6.30 -0.30
CA LEU A 35 3.92 5.11 -0.49
C LEU A 35 4.73 4.82 0.77
N GLN A 36 5.22 5.88 1.39
CA GLN A 36 5.99 5.73 2.61
C GLN A 36 5.09 5.22 3.72
N GLU A 37 3.88 5.76 3.76
CA GLU A 37 2.89 5.34 4.75
C GLU A 37 2.50 3.88 4.52
N ALA A 38 2.38 3.53 3.25
CA ALA A 38 1.98 2.18 2.88
C ALA A 38 3.01 1.13 3.29
N SER A 39 4.27 1.40 3.00
CA SER A 39 5.32 0.45 3.33
C SER A 39 5.45 0.27 4.84
N GLU A 40 5.52 1.39 5.56
CA GLU A 40 5.67 1.33 7.01
C GLU A 40 4.40 0.80 7.66
N ALA A 41 3.26 1.08 7.04
CA ALA A 41 1.98 0.63 7.58
C ALA A 41 1.84 -0.87 7.44
N TYR A 42 2.27 -1.40 6.30
CA TYR A 42 2.17 -2.82 6.07
C TYR A 42 3.07 -3.55 7.05
N LEU A 43 4.23 -2.95 7.28
CA LEU A 43 5.20 -3.53 8.21
C LEU A 43 4.64 -3.64 9.61
N VAL A 44 3.98 -2.60 10.07
CA VAL A 44 3.40 -2.63 11.39
C VAL A 44 2.45 -3.80 11.45
N GLY A 45 1.70 -3.95 10.37
CA GLY A 45 0.75 -5.05 10.26
C GLY A 45 1.48 -6.40 10.29
N LEU A 46 2.62 -6.47 9.61
CA LEU A 46 3.41 -7.70 9.54
C LEU A 46 4.05 -7.99 10.90
N LEU A 47 4.54 -6.94 11.49
CA LEU A 47 5.20 -7.01 12.79
C LEU A 47 4.18 -7.46 13.84
N GLU A 48 3.03 -6.81 13.81
CA GLU A 48 1.97 -7.12 14.74
C GLU A 48 1.30 -8.47 14.45
N HIS A 49 1.14 -8.81 13.15
CA HIS A 49 0.47 -10.08 12.80
C HIS A 49 1.46 -11.18 12.43
N THR A 50 2.52 -10.81 11.72
CA THR A 50 3.53 -11.78 11.30
C THR A 50 2.92 -13.01 10.65
N ASN A 51 2.45 -13.95 11.47
CA ASN A 51 1.85 -15.18 10.97
C ASN A 51 2.90 -16.10 10.38
N LEU A 52 4.16 -15.77 10.60
CA LEU A 52 5.25 -16.57 10.08
C LEU A 52 5.23 -17.97 10.69
N LEU A 53 4.16 -18.30 11.40
CA LEU A 53 4.07 -19.64 11.98
C LEU A 53 4.22 -20.66 10.85
N ALA A 54 4.21 -20.13 9.63
CA ALA A 54 4.33 -20.94 8.43
C ALA A 54 5.64 -21.71 8.39
N LEU A 55 6.74 -21.05 8.76
CA LEU A 55 8.06 -21.69 8.74
C LEU A 55 8.48 -22.13 10.13
N HIS A 56 8.29 -21.26 11.12
CA HIS A 56 8.67 -21.58 12.49
C HIS A 56 7.80 -22.69 13.05
N LEU A 57 6.50 -22.61 12.76
CA LEU A 57 5.55 -23.62 13.23
C LEU A 57 5.06 -24.42 12.04
N VAL A 58 4.39 -25.52 12.32
CA VAL A 58 3.86 -26.39 11.27
C VAL A 58 2.33 -26.43 11.33
N PRO A 59 1.66 -25.59 10.57
CA PRO A 59 0.17 -25.54 10.53
C PRO A 59 -0.43 -26.90 10.18
N ARG A 60 -1.62 -27.18 10.71
CA ARG A 60 -2.28 -28.45 10.43
C ARG A 60 -2.59 -28.57 8.94
N GLY A 61 -2.57 -29.79 8.43
CA GLY A 61 -2.85 -30.03 7.01
C GLY A 61 -1.54 -30.03 6.22
N SER A 62 -0.45 -29.67 6.88
CA SER A 62 0.86 -29.63 6.24
C SER A 62 0.83 -28.79 4.97
N LYS A 63 0.82 -27.47 5.13
CA LYS A 63 0.79 -26.56 3.99
C LYS A 63 2.05 -26.76 3.14
N ARG A 64 3.18 -26.95 3.81
CA ARG A 64 4.44 -27.18 3.11
C ARG A 64 4.66 -26.18 1.95
N ILE A 65 3.88 -25.11 1.90
CA ILE A 65 4.03 -24.14 0.83
C ILE A 65 5.42 -23.51 0.85
N SER A 66 5.86 -23.12 2.04
CA SER A 66 7.17 -22.49 2.18
C SER A 66 7.33 -21.39 1.14
N GLY A 67 6.24 -20.67 0.91
CA GLY A 67 6.26 -19.58 -0.06
C GLY A 67 7.12 -18.43 0.42
N LEU A 68 7.71 -17.72 -0.52
CA LEU A 68 8.57 -16.61 -0.18
C LEU A 68 7.77 -15.48 0.47
N ILE A 69 8.16 -15.10 1.67
CA ILE A 69 7.48 -14.02 2.39
C ILE A 69 7.64 -12.73 1.62
N TYR A 70 8.86 -12.47 1.16
CA TYR A 70 9.15 -11.26 0.41
C TYR A 70 8.30 -11.19 -0.84
N GLU A 71 8.21 -12.31 -1.57
CA GLU A 71 7.41 -12.35 -2.79
C GLU A 71 5.96 -11.99 -2.49
N GLU A 72 5.44 -12.55 -1.41
CA GLU A 72 4.06 -12.29 -1.01
C GLU A 72 3.87 -10.82 -0.68
N VAL A 73 4.83 -10.26 0.01
CA VAL A 73 4.80 -8.87 0.39
C VAL A 73 4.76 -8.00 -0.85
N ARG A 74 5.47 -8.44 -1.83
CA ARG A 74 5.53 -7.70 -3.09
C ARG A 74 4.22 -7.79 -3.85
N ALA A 75 3.71 -9.00 -3.95
CA ALA A 75 2.46 -9.23 -4.67
C ALA A 75 1.24 -8.74 -3.90
N VAL A 76 1.34 -8.69 -2.58
CA VAL A 76 0.21 -8.23 -1.78
C VAL A 76 0.21 -6.72 -1.80
N LEU A 77 1.40 -6.14 -1.82
CA LEU A 77 1.50 -4.69 -1.91
C LEU A 77 0.99 -4.26 -3.26
N LYS A 78 1.30 -5.07 -4.25
CA LYS A 78 0.87 -4.83 -5.59
C LYS A 78 -0.64 -4.76 -5.62
N SER A 79 -1.27 -5.69 -4.93
CA SER A 79 -2.72 -5.70 -4.86
C SER A 79 -3.22 -4.41 -4.22
N PHE A 80 -2.56 -4.03 -3.13
CA PHE A 80 -2.91 -2.80 -2.44
C PHE A 80 -2.72 -1.60 -3.37
N LEU A 81 -1.55 -1.49 -3.96
CA LEU A 81 -1.27 -0.37 -4.85
C LEU A 81 -2.24 -0.37 -6.03
N GLU A 82 -2.43 -1.53 -6.64
CA GLU A 82 -3.33 -1.64 -7.78
C GLU A 82 -4.74 -1.22 -7.41
N SER A 83 -5.22 -1.74 -6.30
CA SER A 83 -6.54 -1.41 -5.82
C SER A 83 -6.63 0.06 -5.44
N VAL A 84 -5.56 0.57 -4.88
CA VAL A 84 -5.52 1.96 -4.47
C VAL A 84 -5.75 2.88 -5.65
N ILE A 85 -5.12 2.56 -6.77
CA ILE A 85 -5.26 3.37 -7.96
C ILE A 85 -6.69 3.31 -8.43
N ARG A 86 -7.25 2.11 -8.41
CA ARG A 86 -8.62 1.93 -8.82
C ARG A 86 -9.54 2.72 -7.92
N ASP A 87 -9.25 2.70 -6.62
CA ASP A 87 -10.04 3.40 -5.64
C ASP A 87 -9.74 4.89 -5.60
N SER A 88 -8.54 5.23 -6.04
CA SER A 88 -8.09 6.61 -6.02
C SER A 88 -8.60 7.37 -7.20
N VAL A 89 -8.49 6.75 -8.37
CA VAL A 89 -8.97 7.39 -9.57
C VAL A 89 -10.48 7.41 -9.51
N THR A 90 -11.04 6.44 -8.81
CA THR A 90 -12.47 6.36 -8.62
C THR A 90 -12.96 7.57 -7.84
N TYR A 91 -12.26 7.87 -6.73
CA TYR A 91 -12.62 9.03 -5.92
C TYR A 91 -12.28 10.31 -6.65
N THR A 92 -11.17 10.30 -7.40
CA THR A 92 -10.83 11.51 -8.13
C THR A 92 -11.86 11.70 -9.22
N GLU A 93 -12.15 10.63 -9.92
CA GLU A 93 -13.16 10.68 -10.95
C GLU A 93 -14.49 11.05 -10.33
N HIS A 94 -14.72 10.58 -9.11
CA HIS A 94 -15.94 10.93 -8.40
C HIS A 94 -15.98 12.43 -8.27
N ALA A 95 -14.79 12.98 -8.10
CA ALA A 95 -14.61 14.43 -7.98
C ALA A 95 -13.99 14.96 -9.28
N LYS A 96 -14.26 14.24 -10.36
CA LYS A 96 -13.75 14.58 -11.68
C LYS A 96 -12.34 15.15 -11.63
N ARG A 97 -11.56 14.65 -10.67
CA ARG A 97 -10.17 15.08 -10.53
C ARG A 97 -9.25 14.07 -11.21
N LYS A 98 -8.04 14.53 -11.50
CA LYS A 98 -7.02 13.70 -12.13
C LYS A 98 -5.71 13.97 -11.40
N THR A 99 -5.59 13.35 -10.23
CA THR A 99 -4.42 13.53 -9.38
C THR A 99 -4.38 12.47 -8.29
N VAL A 100 -3.19 11.96 -7.98
CA VAL A 100 -3.05 10.94 -6.94
C VAL A 100 -2.66 11.64 -5.64
N THR A 101 -3.44 11.45 -4.59
CA THR A 101 -3.14 12.10 -3.30
C THR A 101 -3.07 11.08 -2.18
N SER A 102 -2.25 11.38 -1.18
CA SER A 102 -2.10 10.50 -0.03
C SER A 102 -3.41 10.44 0.71
N LEU A 103 -4.23 11.45 0.49
CA LEU A 103 -5.51 11.55 1.13
C LEU A 103 -6.44 10.48 0.59
N ASP A 104 -6.44 10.33 -0.72
CA ASP A 104 -7.28 9.33 -1.34
C ASP A 104 -6.78 7.95 -0.92
N VAL A 105 -5.46 7.87 -0.73
CA VAL A 105 -4.85 6.62 -0.29
C VAL A 105 -5.37 6.30 1.10
N VAL A 106 -5.44 7.34 1.93
CA VAL A 106 -5.95 7.19 3.27
C VAL A 106 -7.40 6.73 3.24
N TYR A 107 -8.18 7.28 2.33
CA TYR A 107 -9.57 6.89 2.21
C TYR A 107 -9.63 5.43 1.80
N ALA A 108 -8.73 5.06 0.89
CA ALA A 108 -8.67 3.69 0.43
C ALA A 108 -8.28 2.76 1.57
N LEU A 109 -7.33 3.22 2.39
CA LEU A 109 -6.88 2.43 3.52
C LEU A 109 -7.99 2.32 4.57
N LYS A 110 -8.73 3.40 4.74
CA LYS A 110 -9.79 3.45 5.71
C LYS A 110 -10.88 2.43 5.43
N ARG A 111 -11.26 2.29 4.15
CA ARG A 111 -12.30 1.36 3.77
C ARG A 111 -11.80 -0.06 3.81
N GLN A 112 -10.49 -0.16 3.73
CA GLN A 112 -9.84 -1.45 3.76
C GLN A 112 -9.80 -1.99 5.19
N GLY A 113 -10.17 -1.13 6.12
CA GLY A 113 -10.22 -1.50 7.54
C GLY A 113 -9.18 -0.79 8.37
N ARG A 114 -8.63 0.30 7.84
CA ARG A 114 -7.62 1.06 8.55
C ARG A 114 -8.23 2.32 9.16
N THR A 115 -7.43 3.03 9.94
CA THR A 115 -7.87 4.25 10.58
C THR A 115 -9.04 3.99 11.51
N LEU A 116 -9.08 2.79 12.07
CA LEU A 116 -10.16 2.41 12.99
C LEU A 116 -9.88 2.98 14.38
N TYR A 117 -10.91 3.54 15.00
CA TYR A 117 -10.79 4.11 16.34
C TYR A 117 -11.38 3.17 17.38
N GLY A 118 -11.71 1.95 16.95
CA GLY A 118 -12.29 0.95 17.85
C GLY A 118 -13.79 0.85 17.67
N PHE A 119 -14.31 1.56 16.68
CA PHE A 119 -15.74 1.53 16.41
C PHE A 119 -16.17 0.12 16.01
N GLY A 120 -15.33 -0.56 15.24
CA GLY A 120 -15.64 -1.91 14.80
C GLY A 120 -15.27 -2.91 15.87
N GLY A 121 -16.28 -3.41 16.55
CA GLY A 121 -16.08 -4.37 17.61
C GLY A 121 -15.71 -5.74 17.03
N LEU A 1 23.32 8.33 -2.14
CA LEU A 1 22.55 7.08 -2.43
C LEU A 1 21.11 7.25 -2.01
N ILE A 2 20.90 7.57 -0.74
CA ILE A 2 19.55 7.78 -0.22
C ILE A 2 18.96 9.08 -0.75
N SER A 3 19.82 9.93 -1.30
CA SER A 3 19.37 11.21 -1.84
C SER A 3 18.34 11.00 -2.94
N LYS A 4 18.63 10.04 -3.83
CA LYS A 4 17.72 9.74 -4.93
C LYS A 4 16.65 8.77 -4.47
N ILE A 5 16.83 8.23 -3.26
CA ILE A 5 15.87 7.28 -2.70
C ILE A 5 15.34 6.32 -3.78
N PRO A 6 16.18 5.43 -4.24
CA PRO A 6 15.82 4.44 -5.29
C PRO A 6 14.54 3.67 -4.97
N PHE A 7 14.31 3.39 -3.70
CA PHE A 7 13.12 2.65 -3.29
C PHE A 7 11.85 3.40 -3.69
N ALA A 8 11.84 4.70 -3.43
CA ALA A 8 10.68 5.48 -3.81
C ALA A 8 10.51 5.41 -5.31
N ARG A 9 11.62 5.46 -6.03
CA ARG A 9 11.57 5.38 -7.49
C ARG A 9 11.04 4.02 -7.92
N LEU A 10 11.52 2.96 -7.26
CA LEU A 10 11.09 1.61 -7.63
C LEU A 10 9.62 1.38 -7.29
N VAL A 11 9.23 1.83 -6.11
CA VAL A 11 7.86 1.68 -5.67
C VAL A 11 6.97 2.50 -6.58
N LYS A 12 7.41 3.72 -6.85
CA LYS A 12 6.67 4.60 -7.73
C LYS A 12 6.63 4.00 -9.13
N GLU A 13 7.72 3.39 -9.55
CA GLU A 13 7.76 2.80 -10.88
C GLU A 13 6.78 1.64 -11.02
N VAL A 14 6.76 0.73 -10.07
CA VAL A 14 5.81 -0.39 -10.13
C VAL A 14 4.40 0.13 -10.09
N THR A 15 4.18 1.05 -9.19
CA THR A 15 2.88 1.64 -9.02
C THR A 15 2.49 2.36 -10.28
N ASP A 16 3.45 3.03 -10.92
CA ASP A 16 3.20 3.76 -12.15
C ASP A 16 2.70 2.81 -13.23
N GLU A 17 3.26 1.60 -13.29
CA GLU A 17 2.85 0.63 -14.28
C GLU A 17 1.39 0.33 -14.09
N PHE A 18 1.00 0.22 -12.83
CA PHE A 18 -0.39 -0.04 -12.51
C PHE A 18 -1.19 1.22 -12.79
N THR A 19 -0.62 2.36 -12.40
CA THR A 19 -1.24 3.65 -12.60
C THR A 19 -0.99 4.15 -14.00
N THR A 20 -0.50 3.24 -14.86
CA THR A 20 -0.22 3.59 -16.24
C THR A 20 -1.40 4.38 -16.79
N LYS A 21 -2.52 4.32 -16.07
CA LYS A 21 -3.71 5.06 -16.40
C LYS A 21 -3.45 6.54 -16.18
N ASP A 22 -2.19 6.95 -16.26
CA ASP A 22 -1.87 8.34 -16.05
C ASP A 22 -2.31 9.11 -17.27
N GLN A 23 -3.53 8.86 -17.70
CA GLN A 23 -4.08 9.52 -18.86
C GLN A 23 -3.85 11.00 -18.74
N ASP A 24 -4.17 11.49 -17.55
CA ASP A 24 -4.00 12.89 -17.24
C ASP A 24 -3.72 13.10 -15.76
N LEU A 25 -3.65 12.01 -15.02
CA LEU A 25 -3.40 12.09 -13.58
C LEU A 25 -2.14 12.87 -13.27
N ARG A 26 -2.00 13.19 -12.00
CA ARG A 26 -0.85 13.95 -11.52
C ARG A 26 -0.40 13.41 -10.16
N TRP A 27 0.91 13.30 -9.98
CA TRP A 27 1.46 12.79 -8.70
C TRP A 27 1.99 13.91 -7.83
N GLN A 28 1.33 14.10 -6.70
CA GLN A 28 1.75 15.10 -5.74
C GLN A 28 2.82 14.51 -4.82
N SER A 29 3.53 15.37 -4.12
CA SER A 29 4.56 14.91 -3.20
C SER A 29 3.92 13.99 -2.16
N MET A 30 2.67 14.30 -1.81
CA MET A 30 1.95 13.50 -0.82
C MET A 30 1.81 12.07 -1.34
N ALA A 31 1.58 11.93 -2.64
CA ALA A 31 1.44 10.60 -3.23
C ALA A 31 2.62 9.73 -2.80
N ILE A 32 3.79 10.34 -2.77
CA ILE A 32 5.01 9.65 -2.38
C ILE A 32 5.00 9.38 -0.87
N MET A 33 4.48 10.35 -0.11
CA MET A 33 4.39 10.19 1.33
C MET A 33 3.51 8.99 1.60
N ALA A 34 2.49 8.85 0.77
CA ALA A 34 1.56 7.75 0.88
C ALA A 34 2.32 6.44 0.74
N LEU A 35 3.30 6.43 -0.16
CA LEU A 35 4.08 5.23 -0.36
C LEU A 35 4.87 4.92 0.91
N GLN A 36 5.39 5.96 1.54
CA GLN A 36 6.15 5.79 2.76
C GLN A 36 5.25 5.23 3.84
N GLU A 37 4.02 5.75 3.90
CA GLU A 37 3.04 5.30 4.85
C GLU A 37 2.62 3.88 4.52
N ALA A 38 2.57 3.58 3.23
CA ALA A 38 2.15 2.26 2.78
C ALA A 38 3.07 1.16 3.26
N SER A 39 4.37 1.33 3.06
CA SER A 39 5.32 0.31 3.50
C SER A 39 5.34 0.27 5.02
N GLU A 40 5.33 1.45 5.62
CA GLU A 40 5.34 1.59 7.06
C GLU A 40 4.11 0.98 7.71
N ALA A 41 2.94 1.29 7.18
CA ALA A 41 1.68 0.78 7.69
C ALA A 41 1.60 -0.72 7.50
N TYR A 42 2.07 -1.17 6.36
CA TYR A 42 2.05 -2.58 6.07
C TYR A 42 2.87 -3.32 7.11
N LEU A 43 4.01 -2.73 7.43
CA LEU A 43 4.91 -3.33 8.43
C LEU A 43 4.28 -3.36 9.81
N VAL A 44 3.66 -2.26 10.20
CA VAL A 44 3.05 -2.20 11.51
C VAL A 44 2.01 -3.30 11.57
N GLY A 45 1.30 -3.45 10.47
CA GLY A 45 0.29 -4.49 10.37
C GLY A 45 0.93 -5.87 10.45
N LEU A 46 2.07 -6.04 9.77
CA LEU A 46 2.78 -7.32 9.77
C LEU A 46 3.30 -7.62 11.17
N LEU A 47 3.91 -6.61 11.74
CA LEU A 47 4.45 -6.68 13.09
C LEU A 47 3.33 -7.06 14.05
N GLU A 48 2.22 -6.36 13.93
CA GLU A 48 1.08 -6.65 14.75
C GLU A 48 0.60 -8.06 14.47
N HIS A 49 0.67 -8.48 13.20
CA HIS A 49 0.26 -9.84 12.84
C HIS A 49 1.22 -10.86 13.47
N THR A 50 2.51 -10.51 13.49
CA THR A 50 3.53 -11.40 14.05
C THR A 50 3.40 -11.50 15.57
N ASN A 51 2.60 -10.62 16.16
CA ASN A 51 2.39 -10.62 17.60
C ASN A 51 1.82 -11.95 18.09
N LEU A 52 0.91 -12.52 17.31
CA LEU A 52 0.29 -13.77 17.70
C LEU A 52 1.31 -14.89 17.80
N LEU A 53 2.44 -14.72 17.12
CA LEU A 53 3.49 -15.73 17.18
C LEU A 53 3.98 -15.81 18.61
N ALA A 54 3.82 -14.69 19.30
CA ALA A 54 4.23 -14.57 20.69
C ALA A 54 3.45 -15.53 21.58
N LEU A 55 2.46 -16.19 21.00
CA LEU A 55 1.63 -17.13 21.76
C LEU A 55 2.41 -18.42 22.06
N HIS A 56 3.74 -18.33 21.99
CA HIS A 56 4.62 -19.47 22.26
C HIS A 56 4.77 -20.35 21.02
N LEU A 57 4.81 -19.73 19.85
CA LEU A 57 4.97 -20.47 18.60
C LEU A 57 6.44 -20.44 18.18
N VAL A 58 6.77 -21.23 17.14
CA VAL A 58 8.14 -21.29 16.65
C VAL A 58 8.20 -20.86 15.17
N PRO A 59 8.49 -19.62 14.89
CA PRO A 59 8.58 -19.10 13.50
C PRO A 59 9.55 -19.92 12.64
N ARG A 60 9.17 -20.14 11.38
CA ARG A 60 10.01 -20.90 10.45
C ARG A 60 10.88 -19.93 9.64
N GLY A 61 11.91 -19.38 10.29
CA GLY A 61 12.81 -18.44 9.64
C GLY A 61 14.00 -19.16 9.01
N SER A 62 13.97 -20.50 9.04
CA SER A 62 15.05 -21.31 8.49
C SER A 62 14.49 -22.47 7.68
N LYS A 63 15.38 -23.42 7.35
CA LYS A 63 15.00 -24.59 6.57
C LYS A 63 14.56 -24.16 5.17
N ARG A 64 15.07 -23.02 4.73
CA ARG A 64 14.76 -22.49 3.40
C ARG A 64 13.29 -22.06 3.32
N ILE A 65 12.40 -22.80 3.98
CA ILE A 65 10.98 -22.50 3.99
C ILE A 65 10.37 -22.72 2.61
N SER A 66 11.21 -22.73 1.59
CA SER A 66 10.75 -22.94 0.22
C SER A 66 9.70 -21.89 -0.14
N GLY A 67 9.50 -20.93 0.75
CA GLY A 67 8.52 -19.87 0.52
C GLY A 67 9.20 -18.50 0.44
N LEU A 68 8.75 -17.70 -0.52
CA LEU A 68 9.31 -16.35 -0.69
C LEU A 68 8.47 -15.32 0.04
N ILE A 69 8.96 -14.88 1.19
CA ILE A 69 8.27 -13.89 1.99
C ILE A 69 8.14 -12.59 1.21
N TYR A 70 9.23 -12.21 0.53
CA TYR A 70 9.24 -10.98 -0.25
C TYR A 70 8.20 -11.03 -1.35
N GLU A 71 8.05 -12.18 -1.99
CA GLU A 71 7.07 -12.31 -3.08
C GLU A 71 5.67 -12.03 -2.55
N GLU A 72 5.35 -12.63 -1.40
CA GLU A 72 4.03 -12.44 -0.80
C GLU A 72 3.78 -11.00 -0.42
N VAL A 73 4.74 -10.39 0.25
CA VAL A 73 4.60 -9.02 0.65
C VAL A 73 4.49 -8.15 -0.60
N ARG A 74 5.31 -8.46 -1.57
CA ARG A 74 5.34 -7.70 -2.81
C ARG A 74 4.04 -7.80 -3.57
N ALA A 75 3.56 -9.02 -3.76
CA ALA A 75 2.33 -9.24 -4.49
C ALA A 75 1.15 -8.68 -3.70
N VAL A 76 1.27 -8.75 -2.40
CA VAL A 76 0.25 -8.25 -1.53
C VAL A 76 0.22 -6.74 -1.58
N LEU A 77 1.40 -6.14 -1.66
CA LEU A 77 1.48 -4.70 -1.77
C LEU A 77 0.96 -4.27 -3.12
N LYS A 78 1.27 -5.08 -4.12
CA LYS A 78 0.83 -4.84 -5.46
C LYS A 78 -0.69 -4.77 -5.46
N SER A 79 -1.31 -5.69 -4.76
CA SER A 79 -2.75 -5.70 -4.67
C SER A 79 -3.23 -4.40 -4.03
N PHE A 80 -2.55 -4.00 -2.96
CA PHE A 80 -2.88 -2.75 -2.29
C PHE A 80 -2.72 -1.58 -3.24
N LEU A 81 -1.55 -1.48 -3.87
CA LEU A 81 -1.29 -0.39 -4.79
C LEU A 81 -2.31 -0.40 -5.93
N GLU A 82 -2.54 -1.58 -6.50
CA GLU A 82 -3.48 -1.71 -7.61
C GLU A 82 -4.87 -1.24 -7.19
N SER A 83 -5.32 -1.74 -6.06
CA SER A 83 -6.63 -1.38 -5.53
C SER A 83 -6.67 0.10 -5.21
N VAL A 84 -5.57 0.61 -4.70
CA VAL A 84 -5.50 2.01 -4.31
C VAL A 84 -5.77 2.88 -5.52
N ILE A 85 -5.19 2.52 -6.64
CA ILE A 85 -5.37 3.26 -7.86
C ILE A 85 -6.80 3.19 -8.30
N ARG A 86 -7.37 2.00 -8.21
CA ARG A 86 -8.74 1.82 -8.59
C ARG A 86 -9.63 2.68 -7.72
N ASP A 87 -9.29 2.74 -6.45
CA ASP A 87 -10.05 3.54 -5.51
C ASP A 87 -9.77 5.03 -5.68
N SER A 88 -8.54 5.32 -6.06
CA SER A 88 -8.09 6.69 -6.23
C SER A 88 -8.66 7.31 -7.48
N VAL A 89 -8.62 6.53 -8.54
CA VAL A 89 -9.15 6.99 -9.80
C VAL A 89 -10.64 7.18 -9.60
N THR A 90 -11.20 6.28 -8.81
CA THR A 90 -12.60 6.32 -8.50
C THR A 90 -12.99 7.59 -7.75
N TYR A 91 -12.23 7.93 -6.72
CA TYR A 91 -12.51 9.14 -5.94
C TYR A 91 -12.14 10.37 -6.74
N THR A 92 -11.06 10.27 -7.51
CA THR A 92 -10.65 11.40 -8.31
C THR A 92 -11.67 11.60 -9.40
N GLU A 93 -12.03 10.50 -10.05
CA GLU A 93 -13.05 10.57 -11.09
C GLU A 93 -14.35 11.05 -10.47
N HIS A 94 -14.59 10.65 -9.23
CA HIS A 94 -15.81 11.07 -8.55
C HIS A 94 -15.79 12.58 -8.48
N ALA A 95 -14.60 13.09 -8.26
CA ALA A 95 -14.38 14.53 -8.20
C ALA A 95 -13.76 14.98 -9.51
N LYS A 96 -14.01 14.19 -10.57
CA LYS A 96 -13.48 14.46 -11.91
C LYS A 96 -12.11 15.09 -11.84
N ARG A 97 -11.31 14.58 -10.93
CA ARG A 97 -9.95 15.06 -10.74
C ARG A 97 -8.95 14.11 -11.39
N LYS A 98 -7.78 14.65 -11.64
CA LYS A 98 -6.68 13.89 -12.23
C LYS A 98 -5.44 14.14 -11.38
N THR A 99 -5.39 13.45 -10.25
CA THR A 99 -4.28 13.62 -9.31
C THR A 99 -4.26 12.52 -8.26
N VAL A 100 -3.08 12.19 -7.76
CA VAL A 100 -2.95 11.16 -6.72
C VAL A 100 -2.49 11.83 -5.43
N THR A 101 -3.28 11.66 -4.36
CA THR A 101 -2.94 12.28 -3.07
C THR A 101 -2.90 11.25 -1.97
N SER A 102 -2.08 11.50 -0.96
CA SER A 102 -1.97 10.60 0.17
C SER A 102 -3.30 10.52 0.88
N LEU A 103 -4.12 11.52 0.62
CA LEU A 103 -5.43 11.58 1.23
C LEU A 103 -6.32 10.51 0.62
N ASP A 104 -6.34 10.42 -0.69
CA ASP A 104 -7.15 9.44 -1.35
C ASP A 104 -6.66 8.06 -0.94
N VAL A 105 -5.35 7.97 -0.72
CA VAL A 105 -4.74 6.72 -0.27
C VAL A 105 -5.29 6.37 1.10
N VAL A 106 -5.40 7.39 1.94
CA VAL A 106 -5.94 7.20 3.28
C VAL A 106 -7.37 6.68 3.19
N TYR A 107 -8.14 7.23 2.27
CA TYR A 107 -9.50 6.79 2.08
C TYR A 107 -9.49 5.32 1.66
N ALA A 108 -8.57 5.03 0.75
CA ALA A 108 -8.42 3.68 0.25
C ALA A 108 -8.05 2.74 1.40
N LEU A 109 -7.19 3.21 2.28
CA LEU A 109 -6.76 2.42 3.42
C LEU A 109 -7.92 2.24 4.40
N LYS A 110 -8.72 3.28 4.55
CA LYS A 110 -9.85 3.25 5.46
C LYS A 110 -10.83 2.16 5.07
N ARG A 111 -11.16 2.08 3.79
CA ARG A 111 -12.11 1.10 3.31
C ARG A 111 -11.47 -0.27 3.31
N GLN A 112 -10.16 -0.27 3.34
CA GLN A 112 -9.42 -1.49 3.38
C GLN A 112 -9.70 -2.17 4.71
N GLY A 113 -10.35 -1.40 5.59
CA GLY A 113 -10.73 -1.88 6.92
C GLY A 113 -9.80 -1.36 8.00
N ARG A 114 -9.03 -0.32 7.68
CA ARG A 114 -8.10 0.23 8.65
C ARG A 114 -8.80 0.89 9.84
N THR A 115 -9.78 1.74 9.58
CA THR A 115 -10.48 2.41 10.66
C THR A 115 -11.81 2.97 10.19
N LEU A 116 -12.88 2.25 10.49
CA LEU A 116 -14.23 2.66 10.11
C LEU A 116 -14.98 3.20 11.32
N TYR A 117 -14.46 2.85 12.49
CA TYR A 117 -15.06 3.28 13.74
C TYR A 117 -16.46 2.67 13.90
N GLY A 118 -16.65 1.50 13.29
CA GLY A 118 -17.93 0.80 13.38
C GLY A 118 -18.91 1.32 12.32
N PHE A 119 -18.42 2.21 11.46
CA PHE A 119 -19.23 2.79 10.40
C PHE A 119 -18.79 2.31 9.02
N GLY A 120 -18.13 1.15 8.99
CA GLY A 120 -17.66 0.60 7.72
C GLY A 120 -18.78 -0.13 7.00
N GLY A 121 -19.31 0.52 5.99
CA GLY A 121 -20.39 -0.06 5.21
C GLY A 121 -21.45 -0.69 6.10
#